data_2AY1
#
_entry.id   2AY1
#
_cell.length_a   124.140
_cell.length_b   121.740
_cell.length_c   55.200
_cell.angle_alpha   90.00
_cell.angle_beta   90.00
_cell.angle_gamma   90.00
#
_symmetry.space_group_name_H-M   'P 21 21 21'
#
loop_
_entity.id
_entity.type
_entity.pdbx_description
1 polymer 'AROMATIC AMINO ACID AMINOTRANSFERASE'
2 non-polymer "PYRIDOXAL-5'-PHOSPHATE"
3 non-polymer '4-AMINOHYDROCINNAMIC ACID'
4 water water
#
_entity_poly.entity_id   1
_entity_poly.type   'polypeptide(L)'
_entity_poly.pdbx_seq_one_letter_code
;MLGNLKPQAPDKILALMGEFRADPRQGKIDLGVGVYKDATGHTPIMRAVHAAEQRMLETETTKTYAGLSGEPEFQKAMGE
LILGDGLKSETTATLATVGGTGALRQALELARMANPDLRVFVSDPTWPNHVSIMNFMGLPVQTYRYFDAETRGVDFEGMK
ADLAAAKKGDMVLLHGCCHNPTGANLTLDQWAEIASILEKTGALPLIDLAYQGFGDGLEEDAAGTRLIASRIPEVLIAAS
CSKNFGIYRERTGCLLALCADAATRELAQGAMAFLNRQTYSFPPFHGAKIVSTVLTTPELRADWMAELEAVRSGMLRLRE
QLAGELRDLSGSDRFGFVAEHRGMFSRLGATPEQVKRIKEEFGIYMVGDSRINIAGLNDNTIPILARAIIEVGV
;
_entity_poly.pdbx_strand_id   A,B
#
# COMPACT_ATOMS: atom_id res chain seq x y z
N MET A 1 -2.66 -26.00 -7.90
CA MET A 1 -1.53 -25.54 -7.05
C MET A 1 -2.01 -24.84 -5.79
N LEU A 2 -2.91 -23.88 -5.94
CA LEU A 2 -3.43 -23.12 -4.79
C LEU A 2 -4.16 -23.93 -3.73
N GLY A 3 -4.33 -25.23 -3.98
CA GLY A 3 -5.00 -26.09 -3.01
C GLY A 3 -4.06 -26.44 -1.88
N ASN A 4 -2.77 -26.24 -2.11
CA ASN A 4 -1.73 -26.54 -1.14
C ASN A 4 -1.71 -25.46 -0.07
N LEU A 5 -2.42 -24.37 -0.34
CA LEU A 5 -2.51 -23.23 0.56
C LEU A 5 -2.97 -23.61 1.97
N LYS A 6 -2.24 -23.13 2.97
CA LYS A 6 -2.59 -23.38 4.36
C LYS A 6 -3.64 -22.36 4.74
N PRO A 7 -4.73 -22.78 5.37
CA PRO A 7 -5.79 -21.85 5.77
C PRO A 7 -5.29 -20.80 6.77
N GLN A 8 -5.58 -19.54 6.47
CA GLN A 8 -5.16 -18.44 7.33
C GLN A 8 -6.32 -18.00 8.20
N ALA A 9 -6.03 -17.71 9.46
CA ALA A 9 -7.04 -17.29 10.43
C ALA A 9 -7.65 -15.93 10.12
N PRO A 10 -8.97 -15.82 10.27
CA PRO A 10 -9.70 -14.57 10.02
C PRO A 10 -9.24 -13.46 10.96
N ASP A 11 -9.58 -12.22 10.64
CA ASP A 11 -9.21 -11.05 11.43
C ASP A 11 -9.62 -11.09 12.91
N LYS A 12 -10.58 -11.93 13.25
CA LYS A 12 -11.11 -12.06 14.62
C LYS A 12 -12.02 -10.86 14.92
N ILE A 13 -11.55 -9.66 14.60
CA ILE A 13 -12.30 -8.42 14.79
C ILE A 13 -13.71 -8.58 14.22
N LEU A 14 -13.80 -9.21 13.05
CA LEU A 14 -15.08 -9.44 12.39
C LEU A 14 -15.93 -10.35 13.27
N ALA A 15 -15.33 -11.44 13.75
CA ALA A 15 -16.02 -12.40 14.61
C ALA A 15 -16.59 -11.70 15.84
N LEU A 16 -15.83 -10.73 16.36
CA LEU A 16 -16.24 -9.96 17.52
C LEU A 16 -17.45 -9.11 17.14
N MET A 17 -17.41 -8.58 15.93
CA MET A 17 -18.49 -7.74 15.39
C MET A 17 -19.75 -8.58 15.21
N GLY A 18 -19.57 -9.80 14.72
CA GLY A 18 -20.69 -10.69 14.49
C GLY A 18 -21.31 -11.13 15.81
N GLU A 19 -20.46 -11.31 16.81
CA GLU A 19 -20.88 -11.70 18.14
C GLU A 19 -21.86 -10.67 18.69
N PHE A 20 -21.52 -9.40 18.47
CA PHE A 20 -22.32 -8.28 18.92
C PHE A 20 -23.64 -8.22 18.16
N ARG A 21 -23.57 -8.30 16.83
CA ARG A 21 -24.74 -8.25 15.96
C ARG A 21 -25.86 -9.26 16.23
N ALA A 22 -25.49 -10.47 16.61
CA ALA A 22 -26.47 -11.52 16.89
C ALA A 22 -27.24 -11.28 18.19
N ASP A 23 -26.62 -10.56 19.12
CA ASP A 23 -27.24 -10.29 20.43
C ASP A 23 -28.57 -9.55 20.28
N PRO A 24 -29.67 -10.18 20.71
CA PRO A 24 -31.00 -9.59 20.63
C PRO A 24 -31.30 -8.57 21.73
N ARG A 25 -30.29 -8.28 22.55
CA ARG A 25 -30.47 -7.31 23.64
C ARG A 25 -30.45 -5.88 23.15
N GLN A 26 -31.35 -5.09 23.70
CA GLN A 26 -31.49 -3.69 23.32
C GLN A 26 -30.39 -2.83 23.93
N GLY A 27 -30.06 -3.10 25.19
CA GLY A 27 -29.02 -2.34 25.85
C GLY A 27 -27.62 -2.89 25.67
N LYS A 28 -27.36 -3.55 24.55
CA LYS A 28 -26.03 -4.09 24.30
C LYS A 28 -25.06 -2.97 23.93
N ILE A 29 -23.89 -2.98 24.57
CA ILE A 29 -22.87 -1.96 24.36
C ILE A 29 -21.60 -2.57 23.77
N ASP A 30 -20.98 -1.86 22.83
CA ASP A 30 -19.76 -2.32 22.17
C ASP A 30 -18.55 -1.44 22.47
N LEU A 31 -17.66 -1.92 23.33
CA LEU A 31 -16.44 -1.21 23.71
C LEU A 31 -15.23 -1.79 23.00
N GLY A 32 -15.49 -2.75 22.11
CA GLY A 32 -14.44 -3.41 21.37
C GLY A 32 -13.99 -2.67 20.13
N VAL A 33 -14.75 -1.67 19.70
CA VAL A 33 -14.39 -0.90 18.52
C VAL A 33 -12.95 -0.37 18.62
N GLY A 34 -12.23 -0.35 17.51
CA GLY A 34 -10.86 0.13 17.54
C GLY A 34 -10.63 1.52 16.97
N VAL A 35 -11.70 2.24 16.65
CA VAL A 35 -11.59 3.59 16.11
C VAL A 35 -12.36 4.55 16.98
N TYR A 36 -12.16 5.84 16.76
CA TYR A 36 -12.85 6.85 17.53
C TYR A 36 -14.29 7.00 17.03
N LYS A 37 -15.18 7.35 17.95
CA LYS A 37 -16.59 7.54 17.63
C LYS A 37 -17.10 8.69 18.47
N ASP A 38 -17.87 9.58 17.87
CA ASP A 38 -18.42 10.71 18.62
C ASP A 38 -19.64 10.29 19.45
N ALA A 39 -20.35 11.28 20.02
CA ALA A 39 -21.52 11.05 20.85
C ALA A 39 -22.65 10.27 20.16
N THR A 40 -22.72 10.33 18.83
CA THR A 40 -23.76 9.60 18.09
C THR A 40 -23.25 8.28 17.52
N GLY A 41 -22.10 7.81 18.02
CA GLY A 41 -21.55 6.55 17.56
C GLY A 41 -21.12 6.57 16.12
N HIS A 42 -20.57 7.71 15.69
CA HIS A 42 -20.11 7.85 14.31
C HIS A 42 -18.64 8.26 14.30
N THR A 43 -17.93 7.86 13.24
CA THR A 43 -16.53 8.23 13.05
C THR A 43 -16.59 9.28 11.94
N PRO A 44 -16.71 10.56 12.31
CA PRO A 44 -16.79 11.65 11.35
C PRO A 44 -15.52 12.01 10.61
N ILE A 45 -15.68 12.68 9.48
CA ILE A 45 -14.53 13.15 8.71
C ILE A 45 -14.27 14.54 9.29
N MET A 46 -13.04 14.78 9.74
CA MET A 46 -12.68 16.05 10.33
C MET A 46 -12.95 17.24 9.38
N ARG A 47 -13.31 18.39 9.96
CA ARG A 47 -13.60 19.60 9.19
C ARG A 47 -12.45 20.01 8.29
N ALA A 48 -11.25 20.09 8.85
CA ALA A 48 -10.06 20.47 8.08
C ALA A 48 -9.82 19.47 6.96
N VAL A 49 -10.05 18.20 7.25
CA VAL A 49 -9.88 17.13 6.27
C VAL A 49 -10.83 17.31 5.09
N HIS A 50 -12.10 17.58 5.38
CA HIS A 50 -13.09 17.79 4.31
C HIS A 50 -12.73 19.02 3.49
N ALA A 51 -12.17 20.03 4.15
CA ALA A 51 -11.76 21.26 3.47
C ALA A 51 -10.58 20.98 2.54
N ALA A 52 -9.64 20.16 3.00
CA ALA A 52 -8.47 19.81 2.19
C ALA A 52 -8.89 19.10 0.90
N GLU A 53 -9.76 18.10 1.03
CA GLU A 53 -10.23 17.37 -0.15
C GLU A 53 -10.96 18.29 -1.12
N GLN A 54 -11.69 19.27 -0.57
CA GLN A 54 -12.44 20.22 -1.38
C GLN A 54 -11.45 21.08 -2.18
N ARG A 55 -10.36 21.46 -1.52
CA ARG A 55 -9.32 22.27 -2.14
C ARG A 55 -8.53 21.49 -3.20
N MET A 56 -8.20 20.23 -2.88
CA MET A 56 -7.45 19.38 -3.80
C MET A 56 -8.24 19.16 -5.08
N LEU A 57 -9.54 18.91 -4.91
CA LEU A 57 -10.46 18.67 -6.03
C LEU A 57 -10.53 19.85 -6.98
N GLU A 58 -10.11 21.01 -6.50
CA GLU A 58 -10.14 22.22 -7.30
C GLU A 58 -8.77 22.62 -7.81
N THR A 59 -7.72 22.08 -7.20
CA THR A 59 -6.36 22.42 -7.59
C THR A 59 -5.62 21.40 -8.45
N GLU A 60 -5.88 20.12 -8.24
CA GLU A 60 -5.19 19.09 -9.00
C GLU A 60 -5.51 19.12 -10.49
N THR A 61 -4.46 19.16 -11.31
CA THR A 61 -4.57 19.20 -12.75
C THR A 61 -4.20 17.86 -13.39
N THR A 62 -3.54 17.01 -12.62
CA THR A 62 -3.11 15.70 -13.09
C THR A 62 -3.00 14.69 -11.96
N LYS A 63 -2.76 13.44 -12.34
CA LYS A 63 -2.61 12.34 -11.39
C LYS A 63 -1.46 11.44 -11.83
N THR A 64 -0.55 11.98 -12.64
CA THR A 64 0.61 11.25 -13.14
C THR A 64 1.38 10.74 -11.94
N TYR A 65 2.28 9.79 -12.17
CA TYR A 65 3.11 9.26 -11.10
C TYR A 65 3.88 10.40 -10.44
N ALA A 66 3.92 10.39 -9.12
CA ALA A 66 4.62 11.41 -8.36
C ALA A 66 5.82 10.80 -7.63
N GLY A 67 6.22 11.41 -6.53
CA GLY A 67 7.36 10.91 -5.75
C GLY A 67 7.28 9.48 -5.28
N LEU A 68 8.38 8.76 -5.47
CA LEU A 68 8.50 7.36 -5.10
C LEU A 68 8.57 7.17 -3.58
N SER A 69 9.19 8.13 -2.89
CA SER A 69 9.33 8.09 -1.44
C SER A 69 8.30 8.99 -0.76
N GLY A 70 7.37 9.51 -1.55
CA GLY A 70 6.37 10.42 -1.04
C GLY A 70 6.71 11.81 -1.58
N GLU A 71 5.86 12.78 -1.29
CA GLU A 71 6.12 14.14 -1.75
C GLU A 71 6.90 14.88 -0.68
N PRO A 72 7.85 15.73 -1.09
CA PRO A 72 8.66 16.52 -0.17
C PRO A 72 7.84 17.32 0.84
N GLU A 73 6.73 17.89 0.38
CA GLU A 73 5.85 18.70 1.23
C GLU A 73 5.34 17.85 2.40
N PHE A 74 5.05 16.58 2.12
CA PHE A 74 4.54 15.66 3.14
C PHE A 74 5.64 15.18 4.08
N GLN A 75 6.78 14.81 3.53
CA GLN A 75 7.91 14.34 4.34
C GLN A 75 8.30 15.42 5.33
N LYS A 76 8.48 16.63 4.81
CA LYS A 76 8.85 17.80 5.60
C LYS A 76 7.82 18.08 6.69
N ALA A 77 6.57 18.25 6.29
CA ALA A 77 5.50 18.52 7.24
C ALA A 77 5.39 17.48 8.36
N MET A 78 5.54 16.20 8.01
CA MET A 78 5.47 15.14 9.00
C MET A 78 6.63 15.14 10.00
N GLY A 79 7.85 15.22 9.49
CA GLY A 79 9.02 15.25 10.36
C GLY A 79 8.96 16.43 11.31
N GLU A 80 8.37 17.53 10.87
CA GLU A 80 8.25 18.71 11.71
C GLU A 80 7.18 18.49 12.79
N LEU A 81 6.06 17.89 12.39
CA LEU A 81 4.96 17.60 13.31
C LEU A 81 5.46 16.68 14.43
N ILE A 82 6.27 15.70 14.04
CA ILE A 82 6.80 14.73 14.99
C ILE A 82 8.02 15.21 15.77
N LEU A 83 9.04 15.67 15.06
CA LEU A 83 10.29 16.10 15.69
C LEU A 83 10.41 17.56 16.08
N GLY A 84 9.51 18.41 15.58
CA GLY A 84 9.55 19.82 15.90
C GLY A 84 10.80 20.49 15.36
N ASP A 85 11.34 21.44 16.12
CA ASP A 85 12.55 22.15 15.72
C ASP A 85 13.79 21.25 15.77
N GLY A 86 13.65 20.10 16.44
CA GLY A 86 14.77 19.17 16.54
C GLY A 86 14.99 18.36 15.29
N LEU A 87 14.33 18.75 14.20
CA LEU A 87 14.46 18.05 12.93
C LEU A 87 15.72 18.43 12.16
N LYS A 88 16.67 17.50 12.08
CA LYS A 88 17.91 17.72 11.35
C LYS A 88 17.77 16.99 10.02
N SER A 89 17.20 17.64 9.01
CA SER A 89 17.00 17.02 7.71
C SER A 89 18.25 16.41 7.08
N GLU A 90 19.40 16.99 7.39
CA GLU A 90 20.68 16.52 6.87
C GLU A 90 20.93 15.04 7.19
N THR A 91 20.33 14.56 8.27
CA THR A 91 20.50 13.17 8.70
C THR A 91 19.20 12.38 8.86
N THR A 92 18.09 12.94 8.38
CA THR A 92 16.80 12.26 8.49
C THR A 92 16.31 11.76 7.13
N ALA A 93 15.96 10.48 7.07
CA ALA A 93 15.44 9.88 5.84
C ALA A 93 13.94 9.70 6.06
N THR A 94 13.13 10.00 5.06
CA THR A 94 11.69 9.89 5.21
C THR A 94 11.09 9.11 4.06
N LEU A 95 10.15 8.22 4.39
CA LEU A 95 9.51 7.40 3.38
C LEU A 95 8.00 7.37 3.61
N ALA A 96 7.23 7.78 2.61
CA ALA A 96 5.78 7.75 2.73
C ALA A 96 5.39 6.28 2.59
N THR A 97 4.48 5.84 3.43
CA THR A 97 4.07 4.45 3.43
C THR A 97 2.55 4.28 3.37
N VAL A 98 2.12 3.02 3.28
CA VAL A 98 0.70 2.70 3.27
C VAL A 98 0.30 2.52 4.73
N GLY A 99 -0.07 3.63 5.36
CA GLY A 99 -0.46 3.62 6.76
C GLY A 99 0.71 3.40 7.70
N GLY A 100 0.41 3.40 9.00
CA GLY A 100 1.43 3.19 10.00
C GLY A 100 1.93 1.76 9.93
N THR A 101 1.02 0.83 9.60
CA THR A 101 1.38 -0.58 9.48
C THR A 101 2.42 -0.73 8.39
N GLY A 102 2.20 -0.04 7.27
CA GLY A 102 3.16 -0.09 6.19
C GLY A 102 4.51 0.40 6.66
N ALA A 103 4.49 1.47 7.45
CA ALA A 103 5.73 2.04 7.99
C ALA A 103 6.46 1.01 8.86
N LEU A 104 5.71 0.27 9.67
CA LEU A 104 6.28 -0.75 10.54
C LEU A 104 6.89 -1.88 9.71
N ARG A 105 6.12 -2.37 8.73
CA ARG A 105 6.60 -3.43 7.84
C ARG A 105 7.91 -3.01 7.18
N GLN A 106 7.95 -1.79 6.64
CA GLN A 106 9.13 -1.27 5.97
C GLN A 106 10.32 -1.11 6.91
N ALA A 107 10.06 -0.71 8.15
CA ALA A 107 11.11 -0.53 9.16
C ALA A 107 11.78 -1.85 9.52
N LEU A 108 10.99 -2.92 9.50
CA LEU A 108 11.49 -4.26 9.81
C LEU A 108 12.32 -4.82 8.63
N GLU A 109 11.87 -4.55 7.41
CA GLU A 109 12.58 -5.00 6.21
C GLU A 109 13.91 -4.24 6.09
N LEU A 110 13.89 -2.96 6.43
CA LEU A 110 15.08 -2.11 6.40
C LEU A 110 16.11 -2.64 7.38
N ALA A 111 15.72 -2.75 8.64
CA ALA A 111 16.60 -3.23 9.69
C ALA A 111 17.23 -4.60 9.38
N ARG A 112 16.42 -5.51 8.85
CA ARG A 112 16.89 -6.85 8.50
C ARG A 112 17.95 -6.76 7.38
N MET A 113 17.78 -5.80 6.49
CA MET A 113 18.73 -5.59 5.39
C MET A 113 20.07 -5.12 5.96
N ALA A 114 19.99 -4.28 6.98
CA ALA A 114 21.18 -3.74 7.62
C ALA A 114 21.81 -4.71 8.60
N ASN A 115 20.98 -5.60 9.14
CA ASN A 115 21.43 -6.58 10.12
C ASN A 115 20.56 -7.82 10.03
N PRO A 116 21.06 -8.86 9.34
CA PRO A 116 20.35 -10.14 9.16
C PRO A 116 20.08 -10.86 10.47
N ASP A 117 20.97 -10.69 11.45
CA ASP A 117 20.81 -11.34 12.74
C ASP A 117 19.94 -10.53 13.69
N LEU A 118 19.05 -9.72 13.13
CA LEU A 118 18.16 -8.87 13.91
C LEU A 118 17.22 -9.67 14.82
N ARG A 119 17.05 -9.17 16.04
CA ARG A 119 16.17 -9.79 17.02
C ARG A 119 15.28 -8.63 17.48
N VAL A 120 13.99 -8.86 17.62
CA VAL A 120 13.10 -7.78 18.03
C VAL A 120 12.51 -8.00 19.40
N PHE A 121 12.46 -6.92 20.19
CA PHE A 121 11.91 -6.96 21.53
C PHE A 121 10.59 -6.18 21.52
N VAL A 122 9.52 -6.80 22.00
CA VAL A 122 8.21 -6.16 22.06
C VAL A 122 7.70 -6.11 23.49
N SER A 123 6.88 -5.11 23.79
CA SER A 123 6.32 -4.99 25.13
C SER A 123 5.33 -6.08 25.43
N ASP A 124 5.08 -6.31 26.70
CA ASP A 124 4.14 -7.31 27.15
C ASP A 124 3.01 -6.57 27.90
N PRO A 125 1.84 -6.41 27.25
CA PRO A 125 1.49 -6.85 25.90
C PRO A 125 1.77 -5.77 24.86
N THR A 126 1.34 -6.03 23.63
CA THR A 126 1.51 -5.08 22.54
C THR A 126 0.43 -5.33 21.49
N TRP A 127 0.44 -4.47 20.47
CA TRP A 127 -0.50 -4.54 19.35
C TRP A 127 -0.22 -5.91 18.69
N PRO A 128 -1.20 -6.82 18.72
CA PRO A 128 -1.05 -8.17 18.14
C PRO A 128 -0.48 -8.16 16.73
N ASN A 129 -0.84 -7.12 15.98
CA ASN A 129 -0.38 -6.98 14.61
C ASN A 129 1.15 -6.89 14.50
N HIS A 130 1.81 -6.50 15.59
CA HIS A 130 3.27 -6.41 15.61
C HIS A 130 3.83 -7.81 15.45
N VAL A 131 3.37 -8.71 16.31
CA VAL A 131 3.80 -10.09 16.32
C VAL A 131 3.42 -10.78 15.03
N SER A 132 2.24 -10.49 14.50
CA SER A 132 1.79 -11.08 13.23
C SER A 132 2.82 -10.85 12.14
N ILE A 133 3.21 -9.60 11.95
CA ILE A 133 4.18 -9.22 10.93
C ILE A 133 5.53 -9.89 11.16
N MET A 134 6.02 -9.80 12.40
CA MET A 134 7.31 -10.39 12.76
C MET A 134 7.35 -11.91 12.56
N ASN A 135 6.30 -12.60 12.97
CA ASN A 135 6.22 -14.04 12.79
C ASN A 135 6.20 -14.34 11.30
N PHE A 136 5.40 -13.58 10.56
CA PHE A 136 5.31 -13.77 9.11
C PHE A 136 6.70 -13.62 8.50
N MET A 137 7.43 -12.60 8.94
CA MET A 137 8.78 -12.36 8.45
C MET A 137 9.75 -13.40 8.96
N GLY A 138 9.36 -14.09 10.03
CA GLY A 138 10.20 -15.12 10.62
C GLY A 138 11.31 -14.59 11.50
N LEU A 139 11.14 -13.37 12.00
CA LEU A 139 12.12 -12.72 12.86
C LEU A 139 12.01 -13.23 14.29
N PRO A 140 13.15 -13.38 14.99
CA PRO A 140 13.09 -13.86 16.36
C PRO A 140 12.52 -12.75 17.24
N VAL A 141 11.43 -13.05 17.94
CA VAL A 141 10.78 -12.07 18.81
C VAL A 141 11.06 -12.38 20.26
N GLN A 142 11.28 -11.33 21.04
CA GLN A 142 11.55 -11.47 22.45
C GLN A 142 10.67 -10.43 23.15
N THR A 143 10.23 -10.75 24.35
CA THR A 143 9.34 -9.87 25.09
C THR A 143 10.00 -9.20 26.29
N TYR A 144 9.53 -8.02 26.63
CA TYR A 144 10.00 -7.29 27.80
C TYR A 144 8.76 -6.92 28.59
N ARG A 145 8.80 -7.16 29.90
CA ARG A 145 7.65 -6.84 30.75
C ARG A 145 7.27 -5.39 30.61
N TYR A 146 5.99 -5.08 30.80
CA TYR A 146 5.53 -3.71 30.65
C TYR A 146 4.28 -3.42 31.45
N PHE A 147 3.21 -4.17 31.21
CA PHE A 147 1.97 -3.92 31.94
C PHE A 147 1.91 -4.66 33.25
N ASP A 148 1.63 -3.93 34.32
CA ASP A 148 1.52 -4.52 35.64
C ASP A 148 0.04 -4.85 35.85
N ALA A 149 -0.30 -6.12 35.68
CA ALA A 149 -1.69 -6.59 35.82
C ALA A 149 -2.37 -6.23 37.15
N GLU A 150 -1.57 -5.97 38.18
CA GLU A 150 -2.11 -5.63 39.50
C GLU A 150 -2.42 -4.15 39.69
N THR A 151 -1.51 -3.29 39.27
CA THR A 151 -1.72 -1.86 39.42
C THR A 151 -2.25 -1.21 38.15
N ARG A 152 -2.24 -1.99 37.06
CA ARG A 152 -2.68 -1.51 35.75
C ARG A 152 -1.75 -0.40 35.28
N GLY A 153 -0.57 -0.33 35.89
CA GLY A 153 0.42 0.67 35.54
C GLY A 153 1.58 0.00 34.86
N VAL A 154 2.70 0.71 34.72
CA VAL A 154 3.88 0.16 34.07
C VAL A 154 4.87 -0.46 35.04
N ASP A 155 5.17 -1.74 34.83
CA ASP A 155 6.15 -2.46 35.64
C ASP A 155 7.50 -1.99 35.10
N PHE A 156 7.94 -0.82 35.53
CA PHE A 156 9.20 -0.25 35.04
C PHE A 156 10.48 -1.01 35.39
N GLU A 157 10.55 -1.56 36.59
CA GLU A 157 11.73 -2.30 36.99
C GLU A 157 11.86 -3.54 36.13
N GLY A 158 10.73 -4.21 35.87
CA GLY A 158 10.73 -5.40 35.05
C GLY A 158 11.15 -5.10 33.63
N MET A 159 10.64 -3.99 33.11
CA MET A 159 10.96 -3.55 31.77
C MET A 159 12.46 -3.27 31.62
N LYS A 160 13.01 -2.52 32.57
CA LYS A 160 14.44 -2.18 32.54
C LYS A 160 15.32 -3.43 32.61
N ALA A 161 15.00 -4.32 33.54
CA ALA A 161 15.74 -5.55 33.71
C ALA A 161 15.71 -6.37 32.43
N ASP A 162 14.54 -6.44 31.80
CA ASP A 162 14.39 -7.19 30.57
C ASP A 162 15.13 -6.57 29.39
N LEU A 163 15.06 -5.24 29.27
CA LEU A 163 15.73 -4.54 28.19
C LEU A 163 17.24 -4.62 28.33
N ALA A 164 17.70 -4.87 29.55
CA ALA A 164 19.13 -4.98 29.82
C ALA A 164 19.75 -6.11 28.99
N ALA A 165 18.95 -7.14 28.73
CA ALA A 165 19.40 -8.29 27.97
C ALA A 165 19.58 -8.04 26.46
N ALA A 166 19.17 -6.87 25.98
CA ALA A 166 19.29 -6.57 24.55
C ALA A 166 20.74 -6.37 24.12
N LYS A 167 21.10 -6.97 22.99
CA LYS A 167 22.44 -6.89 22.44
C LYS A 167 22.53 -5.73 21.44
N LYS A 168 23.75 -5.42 21.04
CA LYS A 168 24.01 -4.36 20.08
C LYS A 168 23.42 -4.84 18.76
N GLY A 169 22.67 -3.98 18.09
CA GLY A 169 22.07 -4.36 16.82
C GLY A 169 20.64 -4.84 16.91
N ASP A 170 20.21 -5.26 18.10
CA ASP A 170 18.84 -5.72 18.30
C ASP A 170 17.92 -4.51 18.22
N MET A 171 16.64 -4.78 17.99
CA MET A 171 15.64 -3.73 17.87
C MET A 171 14.68 -3.83 19.03
N VAL A 172 14.37 -2.70 19.65
CA VAL A 172 13.44 -2.64 20.76
C VAL A 172 12.30 -1.73 20.31
N LEU A 173 11.09 -2.28 20.29
CA LEU A 173 9.91 -1.53 19.85
C LEU A 173 9.19 -0.84 20.99
N LEU A 174 9.12 0.49 20.93
CA LEU A 174 8.43 1.28 21.95
C LEU A 174 7.26 2.06 21.36
N HIS A 175 6.16 2.13 22.12
CA HIS A 175 5.01 2.91 21.69
C HIS A 175 5.35 4.33 22.17
N GLY A 176 5.38 5.28 21.25
CA GLY A 176 5.70 6.66 21.62
C GLY A 176 4.75 7.24 22.65
N CYS A 177 3.47 6.88 22.54
CA CYS A 177 2.44 7.36 23.47
C CYS A 177 1.17 6.53 23.31
N CYS A 178 0.23 6.71 24.25
CA CYS A 178 -1.05 6.02 24.23
C CYS A 178 -0.89 4.53 23.89
N HIS A 179 -0.25 3.82 24.80
CA HIS A 179 0.00 2.41 24.61
C HIS A 179 -1.28 1.62 24.32
N ASN A 180 -1.28 0.97 23.17
CA ASN A 180 -2.37 0.13 22.69
C ASN A 180 -1.85 -1.28 23.02
N PRO A 181 -2.63 -2.11 23.75
CA PRO A 181 -3.96 -1.89 24.32
C PRO A 181 -4.10 -1.36 25.75
N THR A 182 -3.03 -1.40 26.54
CA THR A 182 -3.08 -1.01 27.95
C THR A 182 -3.50 0.39 28.36
N GLY A 183 -2.98 1.41 27.68
CA GLY A 183 -3.30 2.77 28.04
C GLY A 183 -2.37 3.27 29.14
N ALA A 184 -1.41 2.43 29.53
CA ALA A 184 -0.44 2.80 30.56
C ALA A 184 0.79 3.33 29.84
N ASN A 185 1.27 4.49 30.25
CA ASN A 185 2.42 5.10 29.60
C ASN A 185 3.56 5.50 30.50
N LEU A 186 4.73 5.64 29.89
CA LEU A 186 5.97 6.02 30.58
C LEU A 186 6.02 7.52 30.78
N THR A 187 6.67 7.94 31.87
CA THR A 187 6.85 9.36 32.15
C THR A 187 8.12 9.77 31.42
N LEU A 188 8.29 11.05 31.14
CA LEU A 188 9.48 11.53 30.45
C LEU A 188 10.75 11.12 31.20
N ASP A 189 10.65 10.98 32.53
CA ASP A 189 11.78 10.56 33.35
C ASP A 189 12.08 9.09 33.07
N GLN A 190 11.03 8.29 32.93
CA GLN A 190 11.19 6.87 32.64
C GLN A 190 11.76 6.73 31.23
N TRP A 191 11.43 7.67 30.35
CA TRP A 191 11.95 7.67 28.98
C TRP A 191 13.45 7.92 29.04
N ALA A 192 13.85 8.90 29.83
CA ALA A 192 15.25 9.27 30.01
C ALA A 192 16.07 8.04 30.38
N GLU A 193 15.60 7.28 31.37
CA GLU A 193 16.29 6.07 31.78
C GLU A 193 16.34 5.04 30.66
N ILE A 194 15.21 4.84 29.95
CA ILE A 194 15.17 3.87 28.84
C ILE A 194 16.28 4.22 27.85
N ALA A 195 16.42 5.52 27.56
CA ALA A 195 17.43 5.99 26.63
C ALA A 195 18.83 5.55 27.07
N SER A 196 19.14 5.77 28.35
CA SER A 196 20.45 5.39 28.89
C SER A 196 20.70 3.91 28.69
N ILE A 197 19.65 3.11 28.81
CA ILE A 197 19.74 1.67 28.64
C ILE A 197 19.98 1.35 27.17
N LEU A 198 19.32 2.07 26.27
CA LEU A 198 19.50 1.83 24.85
C LEU A 198 20.90 2.28 24.39
N GLU A 199 21.44 3.32 25.01
CA GLU A 199 22.78 3.79 24.67
C GLU A 199 23.75 2.68 25.06
N LYS A 200 23.64 2.23 26.31
CA LYS A 200 24.49 1.18 26.87
C LYS A 200 24.47 -0.10 26.06
N THR A 201 23.27 -0.57 25.72
CA THR A 201 23.12 -1.81 24.96
C THR A 201 23.45 -1.67 23.48
N GLY A 202 23.18 -0.49 22.93
CA GLY A 202 23.43 -0.27 21.51
C GLY A 202 22.33 -0.85 20.64
N ALA A 203 21.15 -1.02 21.22
CA ALA A 203 20.01 -1.55 20.51
C ALA A 203 19.30 -0.40 19.78
N LEU A 204 18.78 -0.70 18.59
CA LEU A 204 18.08 0.28 17.75
C LEU A 204 16.61 0.42 18.19
N PRO A 205 16.19 1.63 18.56
CA PRO A 205 14.81 1.82 18.98
C PRO A 205 13.86 2.06 17.81
N LEU A 206 12.75 1.32 17.77
CA LEU A 206 11.74 1.50 16.73
C LEU A 206 10.52 2.02 17.47
N ILE A 207 10.18 3.28 17.21
CA ILE A 207 9.05 3.92 17.87
C ILE A 207 7.79 3.86 17.02
N ASP A 208 6.72 3.31 17.57
CA ASP A 208 5.46 3.25 16.87
C ASP A 208 4.64 4.42 17.41
N LEU A 209 4.47 5.45 16.58
CA LEU A 209 3.73 6.64 16.96
C LEU A 209 2.45 6.74 16.14
N ALA A 210 1.37 6.18 16.67
CA ALA A 210 0.10 6.18 15.96
C ALA A 210 -1.00 7.02 16.59
N TYR A 211 -0.74 7.54 17.79
CA TYR A 211 -1.73 8.34 18.50
C TYR A 211 -1.26 9.71 18.97
N GLN A 212 -0.36 10.35 18.23
CA GLN A 212 0.12 11.67 18.64
C GLN A 212 -1.04 12.65 18.62
N GLY A 213 -1.35 13.19 19.79
CA GLY A 213 -2.44 14.15 19.91
C GLY A 213 -3.63 13.61 20.68
N PHE A 214 -3.61 12.32 21.00
CA PHE A 214 -4.69 11.68 21.74
C PHE A 214 -4.44 11.51 23.23
N GLY A 215 -3.21 11.72 23.67
CA GLY A 215 -2.89 11.58 25.08
C GLY A 215 -2.98 12.89 25.85
N ASP A 216 -1.88 13.63 25.89
CA ASP A 216 -1.83 14.91 26.59
C ASP A 216 -1.74 16.09 25.63
N GLY A 217 -1.57 15.81 24.34
CA GLY A 217 -1.48 16.87 23.36
C GLY A 217 -0.44 16.53 22.31
N LEU A 218 -0.48 17.21 21.17
CA LEU A 218 0.45 16.96 20.08
C LEU A 218 1.92 17.02 20.48
N GLU A 219 2.34 18.14 21.06
CA GLU A 219 3.72 18.31 21.49
C GLU A 219 4.08 17.34 22.61
N GLU A 220 3.30 17.39 23.68
CA GLU A 220 3.48 16.54 24.85
C GLU A 220 3.63 15.07 24.49
N ASP A 221 2.82 14.60 23.55
CA ASP A 221 2.86 13.20 23.11
C ASP A 221 4.12 12.83 22.35
N ALA A 222 4.77 13.83 21.74
CA ALA A 222 5.99 13.59 20.98
C ALA A 222 7.23 13.74 21.84
N ALA A 223 7.05 14.16 23.10
CA ALA A 223 8.16 14.36 24.02
C ALA A 223 9.11 13.16 24.16
N GLY A 224 8.55 11.97 24.35
CA GLY A 224 9.37 10.78 24.50
C GLY A 224 10.17 10.53 23.24
N THR A 225 9.48 10.56 22.11
CA THR A 225 10.10 10.36 20.82
C THR A 225 11.22 11.37 20.63
N ARG A 226 10.96 12.62 20.97
CA ARG A 226 11.95 13.68 20.82
C ARG A 226 13.17 13.53 21.72
N LEU A 227 13.00 12.88 22.87
CA LEU A 227 14.10 12.66 23.80
C LEU A 227 14.98 11.54 23.22
N ILE A 228 14.33 10.47 22.76
CA ILE A 228 15.04 9.34 22.15
C ILE A 228 15.84 9.82 20.93
N ALA A 229 15.22 10.69 20.14
CA ALA A 229 15.83 11.23 18.92
C ALA A 229 17.06 12.10 19.17
N SER A 230 17.16 12.68 20.36
CA SER A 230 18.30 13.53 20.68
C SER A 230 19.43 12.79 21.40
N ARG A 231 19.10 11.70 22.06
CA ARG A 231 20.10 10.93 22.80
C ARG A 231 20.69 9.81 21.94
N ILE A 232 19.84 9.11 21.21
CA ILE A 232 20.28 7.99 20.38
C ILE A 232 20.52 8.44 18.94
N PRO A 233 21.70 8.13 18.37
CA PRO A 233 22.05 8.51 17.00
C PRO A 233 21.19 7.88 15.90
N GLU A 234 20.84 6.60 16.05
CA GLU A 234 19.99 5.93 15.06
C GLU A 234 18.65 5.60 15.68
N VAL A 235 17.58 6.10 15.08
CA VAL A 235 16.24 5.86 15.58
C VAL A 235 15.30 5.64 14.38
N LEU A 236 14.37 4.70 14.53
CA LEU A 236 13.40 4.42 13.46
C LEU A 236 12.02 4.77 14.00
N ILE A 237 11.28 5.61 13.30
CA ILE A 237 9.95 6.02 13.74
C ILE A 237 8.87 5.64 12.74
N ALA A 238 7.79 5.03 13.22
CA ALA A 238 6.67 4.64 12.35
C ALA A 238 5.47 5.48 12.73
N ALA A 239 5.19 6.50 11.93
CA ALA A 239 4.08 7.41 12.19
C ALA A 239 2.83 7.05 11.41
N SER A 240 1.69 7.30 12.03
CA SER A 240 0.40 7.03 11.42
C SER A 240 -0.47 8.29 11.46
N CYS A 241 -1.16 8.56 10.35
CA CYS A 241 -2.05 9.72 10.28
C CYS A 241 -3.50 9.25 10.31
N SER A 242 -3.70 7.94 10.41
CA SER A 242 -5.02 7.31 10.43
C SER A 242 -5.99 7.86 11.45
N LYS A 243 -5.60 7.84 12.72
CA LYS A 243 -6.46 8.32 13.79
C LYS A 243 -6.41 9.81 14.08
N ASN A 244 -5.21 10.39 14.22
CA ASN A 244 -5.12 11.81 14.51
C ASN A 244 -5.60 12.72 13.38
N PHE A 245 -5.74 12.16 12.18
CA PHE A 245 -6.27 12.94 11.07
C PHE A 245 -7.63 12.36 10.65
N GLY A 246 -7.99 11.19 11.19
CA GLY A 246 -9.26 10.58 10.88
C GLY A 246 -9.40 10.07 9.45
N ILE A 247 -8.28 9.71 8.83
CA ILE A 247 -8.28 9.22 7.46
C ILE A 247 -7.83 7.75 7.37
N TYR A 248 -8.37 6.95 8.29
CA TYR A 248 -8.08 5.52 8.40
C TYR A 248 -7.94 4.77 7.08
N ARG A 249 -9.02 4.74 6.31
CA ARG A 249 -9.06 4.03 5.02
C ARG A 249 -8.15 4.58 3.92
N GLU A 250 -7.69 5.82 4.05
CA GLU A 250 -6.83 6.41 3.03
C GLU A 250 -5.43 5.78 3.02
N ARG A 251 -5.06 5.15 4.14
CA ARG A 251 -3.77 4.48 4.28
C ARG A 251 -2.54 5.40 4.17
N THR A 252 -2.43 6.35 5.08
CA THR A 252 -1.32 7.30 5.09
C THR A 252 -0.43 7.13 6.32
N GLY A 253 0.83 6.81 6.08
CA GLY A 253 1.78 6.62 7.16
C GLY A 253 3.11 7.23 6.78
N CYS A 254 4.10 7.13 7.65
CA CYS A 254 5.40 7.71 7.38
C CYS A 254 6.54 7.05 8.18
N LEU A 255 7.61 6.66 7.48
CA LEU A 255 8.77 6.03 8.10
C LEU A 255 9.91 7.04 8.13
N LEU A 256 10.42 7.31 9.32
CA LEU A 256 11.51 8.25 9.49
C LEU A 256 12.72 7.53 10.05
N ALA A 257 13.81 7.55 9.30
CA ALA A 257 15.06 6.91 9.71
C ALA A 257 16.06 8.01 10.12
N LEU A 258 16.24 8.18 11.43
CA LEU A 258 17.19 9.19 11.93
C LEU A 258 18.57 8.55 11.86
N CYS A 259 19.51 9.24 11.22
CA CYS A 259 20.85 8.70 11.06
C CYS A 259 21.95 9.48 11.77
N ALA A 260 23.10 8.83 11.91
CA ALA A 260 24.26 9.42 12.56
C ALA A 260 24.92 10.48 11.69
N ASP A 261 24.98 10.22 10.38
CA ASP A 261 25.59 11.16 9.45
C ASP A 261 24.89 11.16 8.10
N ALA A 262 25.15 12.19 7.30
CA ALA A 262 24.55 12.35 5.97
C ALA A 262 24.81 11.19 5.01
N ALA A 263 26.01 10.61 5.06
CA ALA A 263 26.35 9.49 4.19
C ALA A 263 25.41 8.32 4.43
N THR A 264 25.12 8.06 5.71
CA THR A 264 24.24 6.97 6.10
C THR A 264 22.79 7.30 5.77
N ARG A 265 22.46 8.59 5.71
CA ARG A 265 21.10 9.01 5.40
C ARG A 265 20.79 8.74 3.93
N GLU A 266 21.79 8.92 3.07
CA GLU A 266 21.61 8.66 1.64
C GLU A 266 21.50 7.15 1.42
N LEU A 267 22.23 6.40 2.24
CA LEU A 267 22.22 4.96 2.18
C LEU A 267 20.85 4.44 2.62
N ALA A 268 20.27 5.08 3.62
CA ALA A 268 18.96 4.70 4.13
C ALA A 268 17.82 5.12 3.22
N GLN A 269 17.88 6.35 2.72
CA GLN A 269 16.84 6.85 1.82
C GLN A 269 16.79 6.01 0.54
N GLY A 270 17.95 5.63 0.04
CA GLY A 270 18.00 4.84 -1.17
C GLY A 270 17.36 3.48 -0.96
N ALA A 271 17.70 2.84 0.15
CA ALA A 271 17.18 1.52 0.49
C ALA A 271 15.69 1.56 0.80
N MET A 272 15.23 2.69 1.33
CA MET A 272 13.81 2.85 1.64
C MET A 272 13.01 2.99 0.36
N ALA A 273 13.46 3.88 -0.54
CA ALA A 273 12.79 4.10 -1.82
C ALA A 273 12.74 2.78 -2.60
N PHE A 274 13.83 2.03 -2.51
CA PHE A 274 13.98 0.73 -3.14
C PHE A 274 12.92 -0.23 -2.59
N LEU A 275 12.74 -0.22 -1.27
CA LEU A 275 11.76 -1.08 -0.61
C LEU A 275 10.34 -0.78 -1.10
N ASN A 276 10.02 0.50 -1.30
CA ASN A 276 8.69 0.86 -1.78
C ASN A 276 8.47 0.32 -3.18
N ARG A 277 9.42 0.55 -4.06
CA ARG A 277 9.30 0.07 -5.44
C ARG A 277 9.24 -1.45 -5.61
N GLN A 278 9.86 -2.20 -4.70
CA GLN A 278 9.83 -3.65 -4.78
C GLN A 278 8.57 -4.24 -4.13
N THR A 279 7.72 -3.37 -3.60
CA THR A 279 6.49 -3.82 -2.97
C THR A 279 5.24 -3.36 -3.73
N TYR A 280 5.19 -2.07 -4.07
CA TYR A 280 4.04 -1.53 -4.78
C TYR A 280 4.38 -0.30 -5.62
N SER A 281 5.66 -0.09 -5.88
CA SER A 281 6.12 1.07 -6.64
C SER A 281 5.92 2.36 -5.84
N PHE A 282 4.91 3.14 -6.19
CA PHE A 282 4.67 4.42 -5.52
C PHE A 282 3.69 4.29 -4.37
N PRO A 283 3.82 5.16 -3.37
CA PRO A 283 2.92 5.11 -2.22
C PRO A 283 1.63 5.90 -2.51
N PRO A 284 0.54 5.61 -1.77
CA PRO A 284 -0.75 6.28 -1.95
C PRO A 284 -0.63 7.79 -1.80
N PHE A 285 -1.13 8.52 -2.79
CA PHE A 285 -1.06 9.97 -2.77
C PHE A 285 -2.14 10.73 -2.00
N HIS A 286 -3.39 10.38 -2.24
CA HIS A 286 -4.52 11.10 -1.63
C HIS A 286 -4.48 11.52 -0.17
N GLY A 287 -4.43 10.56 0.74
CA GLY A 287 -4.40 10.87 2.16
C GLY A 287 -3.18 11.67 2.57
N ALA A 288 -2.07 11.43 1.91
CA ALA A 288 -0.83 12.14 2.20
C ALA A 288 -0.98 13.59 1.81
N LYS A 289 -1.55 13.84 0.64
CA LYS A 289 -1.73 15.20 0.18
C LYS A 289 -2.67 15.97 1.11
N ILE A 290 -3.71 15.29 1.61
CA ILE A 290 -4.65 15.92 2.53
C ILE A 290 -3.88 16.40 3.76
N VAL A 291 -3.00 15.54 4.26
CA VAL A 291 -2.18 15.85 5.42
C VAL A 291 -1.21 17.01 5.20
N SER A 292 -0.49 17.00 4.08
CA SER A 292 0.45 18.08 3.79
C SER A 292 -0.31 19.39 3.57
N THR A 293 -1.53 19.29 3.06
CA THR A 293 -2.36 20.47 2.82
C THR A 293 -2.78 21.07 4.15
N VAL A 294 -3.28 20.25 5.06
CA VAL A 294 -3.73 20.69 6.37
C VAL A 294 -2.61 21.35 7.20
N LEU A 295 -1.43 20.76 7.19
CA LEU A 295 -0.32 21.27 7.97
C LEU A 295 0.35 22.53 7.43
N THR A 296 0.37 22.69 6.11
CA THR A 296 0.99 23.87 5.50
C THR A 296 0.05 25.06 5.42
N THR A 297 -1.25 24.79 5.30
CA THR A 297 -2.26 25.84 5.23
C THR A 297 -2.65 26.29 6.64
N PRO A 298 -2.18 27.47 7.05
CA PRO A 298 -2.43 28.09 8.36
C PRO A 298 -3.84 27.89 8.89
N GLU A 299 -4.81 28.37 8.13
CA GLU A 299 -6.22 28.26 8.50
C GLU A 299 -6.60 26.84 8.88
N LEU A 300 -6.35 25.92 7.97
CA LEU A 300 -6.66 24.50 8.16
C LEU A 300 -5.95 23.89 9.36
N ARG A 301 -4.65 24.13 9.45
CA ARG A 301 -3.84 23.59 10.54
C ARG A 301 -4.46 23.95 11.88
N ALA A 302 -4.80 25.22 12.03
CA ALA A 302 -5.41 25.74 13.25
C ALA A 302 -6.70 25.00 13.58
N ASP A 303 -7.54 24.82 12.56
CA ASP A 303 -8.80 24.14 12.75
C ASP A 303 -8.65 22.65 13.05
N TRP A 304 -7.57 22.05 12.53
CA TRP A 304 -7.29 20.64 12.78
C TRP A 304 -6.87 20.44 14.22
N MET A 305 -5.89 21.22 14.67
CA MET A 305 -5.42 21.11 16.05
C MET A 305 -6.59 21.34 17.00
N ALA A 306 -7.41 22.35 16.71
CA ALA A 306 -8.56 22.67 17.53
C ALA A 306 -9.53 21.49 17.66
N GLU A 307 -9.78 20.81 16.55
CA GLU A 307 -10.70 19.69 16.58
C GLU A 307 -10.09 18.51 17.32
N LEU A 308 -8.80 18.25 17.10
CA LEU A 308 -8.13 17.13 17.76
C LEU A 308 -8.18 17.35 19.28
N GLU A 309 -7.97 18.59 19.71
CA GLU A 309 -8.00 18.93 21.13
C GLU A 309 -9.38 18.71 21.76
N ALA A 310 -10.43 18.98 20.99
CA ALA A 310 -11.80 18.80 21.47
C ALA A 310 -12.02 17.30 21.70
N VAL A 311 -11.53 16.49 20.76
CA VAL A 311 -11.63 15.04 20.84
C VAL A 311 -10.88 14.53 22.07
N ARG A 312 -9.62 14.94 22.18
CA ARG A 312 -8.74 14.55 23.27
C ARG A 312 -9.38 14.89 24.62
N SER A 313 -9.72 16.16 24.82
CA SER A 313 -10.34 16.62 26.06
C SER A 313 -11.60 15.86 26.43
N GLY A 314 -12.40 15.56 25.41
CA GLY A 314 -13.63 14.82 25.64
C GLY A 314 -13.38 13.43 26.18
N MET A 315 -12.42 12.72 25.59
CA MET A 315 -12.11 11.37 26.05
C MET A 315 -11.61 11.41 27.48
N LEU A 316 -10.79 12.43 27.78
CA LEU A 316 -10.24 12.64 29.11
C LEU A 316 -11.38 12.82 30.13
N ARG A 317 -12.39 13.61 29.76
CA ARG A 317 -13.54 13.84 30.62
C ARG A 317 -14.32 12.55 30.87
N LEU A 318 -14.38 11.70 29.84
CA LEU A 318 -15.05 10.40 29.96
C LEU A 318 -14.28 9.55 30.97
N ARG A 319 -12.94 9.64 30.92
CA ARG A 319 -12.10 8.88 31.83
C ARG A 319 -12.35 9.29 33.28
N GLU A 320 -12.43 10.60 33.50
CA GLU A 320 -12.67 11.11 34.85
C GLU A 320 -14.02 10.68 35.40
N GLN A 321 -15.05 10.72 34.55
CA GLN A 321 -16.39 10.31 34.96
C GLN A 321 -16.43 8.83 35.35
N LEU A 322 -15.87 7.98 34.48
CA LEU A 322 -15.83 6.55 34.75
C LEU A 322 -15.12 6.31 36.08
N ALA A 323 -13.95 6.93 36.24
CA ALA A 323 -13.18 6.78 37.47
C ALA A 323 -13.98 7.29 38.67
N GLY A 324 -14.68 8.40 38.49
CA GLY A 324 -15.48 8.97 39.56
C GLY A 324 -16.58 8.02 39.99
N GLU A 325 -17.35 7.55 39.01
CA GLU A 325 -18.46 6.64 39.24
C GLU A 325 -17.94 5.35 39.89
N LEU A 326 -16.82 4.84 39.38
CA LEU A 326 -16.20 3.64 39.90
C LEU A 326 -15.76 3.84 41.33
N ARG A 327 -15.32 5.05 41.66
CA ARG A 327 -14.90 5.38 43.01
C ARG A 327 -16.12 5.35 43.95
N ASP A 328 -17.17 6.07 43.56
CA ASP A 328 -18.39 6.14 44.35
C ASP A 328 -19.00 4.76 44.63
N LEU A 329 -19.04 3.90 43.60
CA LEU A 329 -19.58 2.56 43.73
C LEU A 329 -18.64 1.60 44.46
N SER A 330 -17.34 1.85 44.41
CA SER A 330 -16.39 0.96 45.07
C SER A 330 -16.04 1.33 46.50
N GLY A 331 -16.15 2.61 46.83
CA GLY A 331 -15.80 3.05 48.16
C GLY A 331 -14.28 3.03 48.30
N SER A 332 -13.60 3.07 47.16
CA SER A 332 -12.14 3.06 47.13
C SER A 332 -11.69 3.76 45.86
N ASP A 333 -10.40 4.03 45.77
CA ASP A 333 -9.84 4.69 44.59
C ASP A 333 -9.04 3.65 43.80
N ARG A 334 -9.43 2.40 43.97
CA ARG A 334 -8.79 1.25 43.33
C ARG A 334 -8.73 1.35 41.81
N PHE A 335 -9.77 1.91 41.20
CA PHE A 335 -9.85 2.08 39.76
C PHE A 335 -9.35 3.41 39.24
N GLY A 336 -8.64 4.16 40.09
CA GLY A 336 -8.12 5.45 39.70
C GLY A 336 -7.23 5.43 38.47
N PHE A 337 -6.71 4.26 38.13
CA PHE A 337 -5.84 4.13 36.98
C PHE A 337 -6.55 4.54 35.69
N VAL A 338 -7.87 4.37 35.65
CA VAL A 338 -8.66 4.75 34.47
C VAL A 338 -8.49 6.23 34.15
N ALA A 339 -8.31 7.04 35.19
CA ALA A 339 -8.14 8.48 35.03
C ALA A 339 -6.70 8.84 34.71
N GLU A 340 -5.79 7.90 34.93
CA GLU A 340 -4.37 8.14 34.65
C GLU A 340 -3.97 7.67 33.26
N HIS A 341 -4.64 6.64 32.78
CA HIS A 341 -4.36 6.10 31.46
C HIS A 341 -4.57 7.16 30.40
N ARG A 342 -3.82 7.06 29.31
CA ARG A 342 -3.94 7.99 28.21
C ARG A 342 -4.13 7.17 26.95
N GLY A 343 -4.78 7.77 25.96
CA GLY A 343 -5.05 7.09 24.71
C GLY A 343 -6.52 6.76 24.75
N MET A 344 -7.06 6.20 23.69
CA MET A 344 -8.48 5.87 23.69
C MET A 344 -8.72 4.45 24.18
N PHE A 345 -7.68 3.80 24.65
CA PHE A 345 -7.79 2.43 25.12
C PHE A 345 -7.34 2.27 26.55
N SER A 346 -7.86 1.23 27.19
CA SER A 346 -7.52 0.91 28.55
C SER A 346 -7.74 -0.57 28.80
N ARG A 347 -6.80 -1.20 29.49
CA ARG A 347 -6.95 -2.60 29.84
C ARG A 347 -7.43 -2.56 31.27
N LEU A 348 -8.60 -3.15 31.51
CA LEU A 348 -9.20 -3.17 32.84
C LEU A 348 -8.50 -4.12 33.81
N GLY A 349 -7.90 -5.17 33.28
CA GLY A 349 -7.23 -6.14 34.12
C GLY A 349 -8.19 -7.23 34.58
N ALA A 350 -9.21 -7.50 33.77
CA ALA A 350 -10.19 -8.52 34.08
C ALA A 350 -9.82 -9.81 33.34
N THR A 351 -9.94 -10.95 33.99
CA THR A 351 -9.63 -12.23 33.37
C THR A 351 -10.70 -12.55 32.33
N PRO A 352 -10.43 -13.51 31.43
CA PRO A 352 -11.40 -13.89 30.40
C PRO A 352 -12.80 -14.22 30.97
N GLU A 353 -12.83 -14.92 32.11
CA GLU A 353 -14.09 -15.29 32.76
C GLU A 353 -14.90 -14.05 33.13
N GLN A 354 -14.24 -13.07 33.72
CA GLN A 354 -14.90 -11.82 34.12
C GLN A 354 -15.42 -11.10 32.87
N VAL A 355 -14.64 -11.13 31.80
CA VAL A 355 -15.00 -10.49 30.54
C VAL A 355 -16.26 -11.16 29.99
N LYS A 356 -16.33 -12.49 30.12
CA LYS A 356 -17.48 -13.24 29.65
C LYS A 356 -18.68 -13.04 30.57
N ARG A 357 -18.43 -12.86 31.87
CA ARG A 357 -19.52 -12.63 32.83
C ARG A 357 -20.16 -11.28 32.55
N ILE A 358 -19.31 -10.30 32.22
CA ILE A 358 -19.80 -8.95 31.89
C ILE A 358 -20.74 -8.99 30.68
N LYS A 359 -20.33 -9.71 29.63
CA LYS A 359 -21.13 -9.83 28.42
C LYS A 359 -22.46 -10.53 28.68
N GLU A 360 -22.39 -11.77 29.15
CA GLU A 360 -23.58 -12.57 29.45
C GLU A 360 -24.59 -11.88 30.37
N GLU A 361 -24.10 -11.33 31.48
CA GLU A 361 -24.95 -10.67 32.46
C GLU A 361 -25.31 -9.21 32.17
N PHE A 362 -24.38 -8.47 31.59
CA PHE A 362 -24.63 -7.05 31.33
C PHE A 362 -24.71 -6.59 29.88
N GLY A 363 -24.49 -7.52 28.95
CA GLY A 363 -24.55 -7.19 27.54
C GLY A 363 -23.46 -6.24 27.06
N ILE A 364 -22.35 -6.17 27.80
CA ILE A 364 -21.26 -5.29 27.41
C ILE A 364 -20.15 -6.11 26.76
N TYR A 365 -19.78 -5.74 25.53
CA TYR A 365 -18.75 -6.43 24.78
C TYR A 365 -17.44 -5.64 24.79
N MET A 366 -16.32 -6.35 24.89
CA MET A 366 -15.00 -5.75 24.89
C MET A 366 -14.02 -6.78 24.36
N VAL A 367 -12.78 -6.39 24.09
CA VAL A 367 -11.80 -7.35 23.59
C VAL A 367 -11.54 -8.35 24.74
N GLY A 368 -11.25 -9.61 24.38
CA GLY A 368 -11.01 -10.64 25.36
C GLY A 368 -9.95 -10.38 26.41
N ASP A 369 -9.07 -9.41 26.17
CA ASP A 369 -8.02 -9.07 27.11
C ASP A 369 -8.46 -7.91 28.01
N SER A 370 -9.78 -7.68 28.05
CA SER A 370 -10.42 -6.61 28.81
C SER A 370 -10.11 -5.18 28.33
N ARG A 371 -9.68 -5.06 27.07
CA ARG A 371 -9.40 -3.73 26.52
C ARG A 371 -10.72 -3.07 26.16
N ILE A 372 -10.85 -1.80 26.53
CA ILE A 372 -12.05 -1.06 26.20
C ILE A 372 -11.66 0.22 25.49
N ASN A 373 -12.58 0.71 24.67
CA ASN A 373 -12.38 1.94 23.94
C ASN A 373 -13.19 2.98 24.70
N ILE A 374 -12.50 3.92 25.34
CA ILE A 374 -13.14 4.97 26.10
C ILE A 374 -14.16 5.75 25.26
N ALA A 375 -13.86 5.90 23.97
CA ALA A 375 -14.75 6.64 23.05
C ALA A 375 -16.12 5.97 22.87
N GLY A 376 -16.25 4.72 23.29
CA GLY A 376 -17.53 4.05 23.17
C GLY A 376 -18.43 4.32 24.36
N LEU A 377 -17.92 5.08 25.33
CA LEU A 377 -18.68 5.40 26.52
C LEU A 377 -19.35 6.76 26.44
N ASN A 378 -20.31 6.98 27.33
CA ASN A 378 -21.02 8.24 27.41
C ASN A 378 -21.75 8.33 28.74
N ASP A 379 -22.43 9.45 28.96
CA ASP A 379 -23.16 9.71 30.19
C ASP A 379 -24.22 8.65 30.50
N ASN A 380 -24.73 8.00 29.46
CA ASN A 380 -25.74 6.96 29.62
C ASN A 380 -25.17 5.57 29.83
N THR A 381 -24.01 5.27 29.25
CA THR A 381 -23.40 3.95 29.36
C THR A 381 -22.39 3.76 30.49
N ILE A 382 -21.73 4.84 30.90
CA ILE A 382 -20.74 4.77 31.97
C ILE A 382 -21.30 4.11 33.24
N PRO A 383 -22.52 4.51 33.68
CA PRO A 383 -23.11 3.92 34.88
C PRO A 383 -23.21 2.40 34.79
N ILE A 384 -23.55 1.90 33.60
CA ILE A 384 -23.70 0.46 33.38
C ILE A 384 -22.35 -0.22 33.51
N LEU A 385 -21.34 0.32 32.83
CA LEU A 385 -20.00 -0.25 32.89
C LEU A 385 -19.51 -0.26 34.35
N ALA A 386 -19.70 0.85 35.06
CA ALA A 386 -19.30 0.96 36.45
C ALA A 386 -19.90 -0.17 37.27
N ARG A 387 -21.21 -0.38 37.10
CA ARG A 387 -21.90 -1.45 37.81
C ARG A 387 -21.35 -2.83 37.43
N ALA A 388 -21.26 -3.10 36.13
CA ALA A 388 -20.77 -4.37 35.63
C ALA A 388 -19.42 -4.78 36.20
N ILE A 389 -18.45 -3.88 36.13
CA ILE A 389 -17.10 -4.13 36.64
C ILE A 389 -17.16 -4.53 38.13
N ILE A 390 -17.92 -3.78 38.90
CA ILE A 390 -18.07 -4.05 40.34
C ILE A 390 -18.72 -5.41 40.59
N GLU A 391 -19.91 -5.62 40.01
CA GLU A 391 -20.66 -6.86 40.20
C GLU A 391 -19.96 -8.15 39.81
N VAL A 392 -19.08 -8.09 38.81
CA VAL A 392 -18.35 -9.27 38.36
C VAL A 392 -17.13 -9.54 39.25
N GLY A 393 -16.80 -8.57 40.10
CA GLY A 393 -15.68 -8.74 41.01
C GLY A 393 -14.32 -8.43 40.46
N VAL A 394 -14.21 -7.40 39.62
CA VAL A 394 -12.92 -7.02 39.06
C VAL A 394 -12.16 -6.26 40.15
N MET B 1 24.07 0.59 12.84
CA MET B 1 23.46 -0.55 12.09
C MET B 1 23.12 -0.15 10.65
N LEU B 2 22.41 0.96 10.49
CA LEU B 2 22.01 1.45 9.17
C LEU B 2 23.18 1.77 8.25
N GLY B 3 24.38 1.91 8.82
CA GLY B 3 25.56 2.20 8.02
C GLY B 3 25.97 1.00 7.18
N ASN B 4 25.35 -0.15 7.46
CA ASN B 4 25.64 -1.38 6.74
C ASN B 4 24.78 -1.51 5.47
N LEU B 5 23.85 -0.59 5.31
CA LEU B 5 22.98 -0.61 4.14
C LEU B 5 23.79 -0.50 2.85
N LYS B 6 23.65 -1.49 1.98
CA LYS B 6 24.36 -1.49 0.71
C LYS B 6 23.58 -0.63 -0.29
N PRO B 7 24.29 -0.03 -1.26
CA PRO B 7 23.59 0.79 -2.26
C PRO B 7 22.86 -0.14 -3.23
N GLN B 8 21.63 0.23 -3.59
CA GLN B 8 20.82 -0.59 -4.49
C GLN B 8 20.64 0.01 -5.89
N ALA B 9 20.29 -0.84 -6.86
CA ALA B 9 20.09 -0.41 -8.24
C ALA B 9 18.77 0.36 -8.39
N PRO B 10 18.82 1.55 -9.00
CA PRO B 10 17.65 2.41 -9.21
C PRO B 10 16.81 2.05 -10.44
N ASP B 11 15.61 2.62 -10.50
CA ASP B 11 14.71 2.38 -11.62
C ASP B 11 15.24 3.22 -12.76
N LYS B 12 15.86 2.58 -13.74
CA LYS B 12 16.41 3.29 -14.90
C LYS B 12 15.35 4.09 -15.67
N ILE B 13 14.14 3.55 -15.78
CA ILE B 13 13.04 4.24 -16.47
C ILE B 13 12.70 5.55 -15.77
N LEU B 14 12.62 5.50 -14.44
CA LEU B 14 12.31 6.69 -13.66
C LEU B 14 13.54 7.60 -13.55
N ALA B 15 14.73 7.01 -13.60
CA ALA B 15 15.97 7.76 -13.53
C ALA B 15 16.01 8.68 -14.74
N LEU B 16 15.62 8.14 -15.89
CA LEU B 16 15.56 8.88 -17.13
C LEU B 16 14.68 10.10 -16.90
N MET B 17 13.52 9.87 -16.28
CA MET B 17 12.58 10.94 -15.97
C MET B 17 13.26 12.07 -15.21
N GLY B 18 14.06 11.70 -14.21
CA GLY B 18 14.77 12.70 -13.42
C GLY B 18 15.81 13.45 -14.23
N GLU B 19 16.51 12.72 -15.10
CA GLU B 19 17.54 13.30 -15.95
C GLU B 19 16.95 14.33 -16.90
N PHE B 20 15.69 14.15 -17.26
CA PHE B 20 14.98 15.05 -18.15
C PHE B 20 14.73 16.39 -17.45
N GLY B 27 15.10 21.78 -27.12
CA GLY B 27 14.05 20.96 -27.70
C GLY B 27 13.97 19.60 -27.04
N LYS B 28 13.59 19.60 -25.76
CA LYS B 28 13.47 18.37 -24.99
C LYS B 28 12.23 17.54 -25.36
N ILE B 29 12.45 16.28 -25.70
CA ILE B 29 11.36 15.39 -26.08
C ILE B 29 11.43 14.12 -25.25
N ASP B 30 10.59 14.03 -24.22
CA ASP B 30 10.55 12.86 -23.36
C ASP B 30 9.64 11.79 -23.93
N LEU B 31 10.22 10.64 -24.20
CA LEU B 31 9.50 9.50 -24.75
C LEU B 31 9.79 8.31 -23.85
N GLY B 32 9.95 8.57 -22.55
CA GLY B 32 10.26 7.51 -21.60
C GLY B 32 9.13 6.88 -20.83
N VAL B 33 8.96 7.29 -19.57
CA VAL B 33 7.92 6.74 -18.69
C VAL B 33 6.56 6.51 -19.35
N GLY B 34 5.96 5.38 -19.00
CA GLY B 34 4.69 4.98 -19.59
C GLY B 34 3.42 5.66 -19.14
N VAL B 35 3.35 6.97 -19.28
CA VAL B 35 2.16 7.71 -18.91
C VAL B 35 1.57 8.29 -20.18
N TYR B 36 0.25 8.36 -20.25
CA TYR B 36 -0.40 8.91 -21.42
C TYR B 36 -0.22 10.43 -21.39
N LYS B 37 0.00 11.02 -22.56
CA LYS B 37 0.18 12.46 -22.68
C LYS B 37 -0.72 12.99 -23.80
N ASP B 38 -1.29 14.18 -23.60
CA ASP B 38 -2.14 14.76 -24.62
C ASP B 38 -1.31 15.61 -25.58
N ALA B 39 -1.96 16.24 -26.56
CA ALA B 39 -1.28 17.06 -27.55
C ALA B 39 -0.36 18.12 -26.92
N THR B 40 -0.74 18.64 -25.76
CA THR B 40 0.05 19.67 -25.09
C THR B 40 1.01 19.16 -24.01
N GLY B 41 1.37 17.89 -24.07
CA GLY B 41 2.29 17.33 -23.10
C GLY B 41 1.78 17.28 -21.66
N HIS B 42 0.49 17.06 -21.52
CA HIS B 42 -0.11 16.98 -20.19
C HIS B 42 -0.84 15.65 -20.02
N THR B 43 -0.86 15.14 -18.81
CA THR B 43 -1.55 13.91 -18.50
C THR B 43 -2.78 14.37 -17.73
N PRO B 44 -3.87 14.62 -18.45
CA PRO B 44 -5.11 15.08 -17.81
C PRO B 44 -5.77 14.04 -16.92
N ILE B 45 -6.79 14.50 -16.20
CA ILE B 45 -7.57 13.65 -15.34
C ILE B 45 -8.79 13.42 -16.24
N MET B 46 -9.29 12.18 -16.27
CA MET B 46 -10.43 11.87 -17.12
C MET B 46 -11.73 12.45 -16.58
N ARG B 47 -12.58 12.93 -17.49
CA ARG B 47 -13.87 13.53 -17.14
C ARG B 47 -14.63 12.72 -16.08
N ALA B 48 -14.87 11.43 -16.37
CA ALA B 48 -15.58 10.56 -15.45
C ALA B 48 -14.90 10.53 -14.07
N VAL B 49 -13.57 10.49 -14.06
CA VAL B 49 -12.83 10.47 -12.81
C VAL B 49 -13.13 11.71 -11.98
N HIS B 50 -13.01 12.88 -12.61
CA HIS B 50 -13.26 14.14 -11.93
C HIS B 50 -14.68 14.18 -11.36
N ALA B 51 -15.64 13.71 -12.15
CA ALA B 51 -17.03 13.68 -11.74
C ALA B 51 -17.18 12.73 -10.56
N ALA B 52 -16.52 11.58 -10.64
CA ALA B 52 -16.57 10.58 -9.58
C ALA B 52 -16.07 11.18 -8.27
N GLU B 53 -14.96 11.91 -8.33
CA GLU B 53 -14.41 12.53 -7.12
C GLU B 53 -15.35 13.57 -6.52
N GLN B 54 -15.98 14.39 -7.36
CA GLN B 54 -16.93 15.39 -6.88
C GLN B 54 -18.07 14.68 -6.16
N ARG B 55 -18.56 13.60 -6.76
CA ARG B 55 -19.64 12.83 -6.17
C ARG B 55 -19.22 12.25 -4.81
N MET B 56 -18.00 11.73 -4.76
CA MET B 56 -17.44 11.15 -3.54
C MET B 56 -17.33 12.16 -2.41
N LEU B 57 -16.78 13.34 -2.71
CA LEU B 57 -16.60 14.38 -1.71
C LEU B 57 -17.92 14.77 -1.06
N GLU B 58 -19.01 14.59 -1.80
CA GLU B 58 -20.34 14.95 -1.35
C GLU B 58 -21.07 13.82 -0.60
N THR B 59 -20.83 12.57 -0.96
CA THR B 59 -21.52 11.45 -0.33
C THR B 59 -20.85 10.71 0.84
N GLU B 60 -19.52 10.72 0.90
CA GLU B 60 -18.82 10.02 1.97
C GLU B 60 -18.92 10.76 3.30
N THR B 61 -19.43 10.06 4.32
CA THR B 61 -19.57 10.65 5.65
C THR B 61 -18.56 10.13 6.67
N THR B 62 -17.75 9.15 6.29
CA THR B 62 -16.75 8.59 7.19
C THR B 62 -15.55 8.03 6.44
N LYS B 63 -14.43 7.90 7.15
CA LYS B 63 -13.20 7.35 6.58
C LYS B 63 -12.66 6.23 7.47
N THR B 64 -13.55 5.60 8.23
CA THR B 64 -13.20 4.49 9.11
C THR B 64 -12.64 3.35 8.27
N TYR B 65 -12.00 2.40 8.93
CA TYR B 65 -11.43 1.25 8.26
C TYR B 65 -12.53 0.55 7.50
N ALA B 66 -12.19 -0.02 6.35
CA ALA B 66 -13.13 -0.72 5.51
C ALA B 66 -12.71 -2.17 5.27
N GLY B 67 -12.77 -2.60 4.01
CA GLY B 67 -12.41 -3.96 3.67
C GLY B 67 -10.93 -4.23 3.47
N LEU B 68 -10.46 -5.31 4.08
CA LEU B 68 -9.06 -5.72 3.99
C LEU B 68 -8.70 -6.18 2.58
N SER B 69 -9.68 -6.75 1.89
CA SER B 69 -9.49 -7.23 0.53
C SER B 69 -10.07 -6.24 -0.48
N GLY B 70 -10.46 -5.07 0.02
CA GLY B 70 -11.06 -4.06 -0.82
C GLY B 70 -12.56 -4.12 -0.68
N GLU B 71 -13.24 -3.16 -1.28
CA GLU B 71 -14.70 -3.10 -1.21
C GLU B 71 -15.35 -4.02 -2.24
N PRO B 72 -16.47 -4.67 -1.85
CA PRO B 72 -17.21 -5.59 -2.71
C PRO B 72 -17.52 -4.97 -4.07
N GLU B 73 -17.90 -3.69 -4.05
CA GLU B 73 -18.21 -2.96 -5.28
C GLU B 73 -17.03 -2.98 -6.24
N PHE B 74 -15.85 -2.62 -5.74
CA PHE B 74 -14.64 -2.59 -6.54
C PHE B 74 -14.30 -3.98 -7.07
N GLN B 75 -14.42 -4.98 -6.20
CA GLN B 75 -14.11 -6.35 -6.56
C GLN B 75 -15.00 -6.87 -7.70
N LYS B 76 -16.31 -6.70 -7.56
CA LYS B 76 -17.26 -7.16 -8.56
C LYS B 76 -17.09 -6.41 -9.88
N ALA B 77 -16.99 -5.08 -9.79
CA ALA B 77 -16.83 -4.25 -10.97
C ALA B 77 -15.57 -4.64 -11.76
N MET B 78 -14.47 -4.83 -11.05
CA MET B 78 -13.21 -5.20 -11.69
C MET B 78 -13.27 -6.56 -12.36
N GLY B 79 -13.83 -7.54 -11.65
CA GLY B 79 -13.95 -8.88 -12.19
C GLY B 79 -14.78 -8.90 -13.46
N GLU B 80 -15.83 -8.09 -13.50
CA GLU B 80 -16.69 -8.02 -14.67
C GLU B 80 -15.94 -7.32 -15.79
N LEU B 81 -15.19 -6.29 -15.44
CA LEU B 81 -14.42 -5.53 -16.42
C LEU B 81 -13.41 -6.43 -17.13
N ILE B 82 -12.71 -7.24 -16.35
CA ILE B 82 -11.71 -8.14 -16.88
C ILE B 82 -12.22 -9.41 -17.56
N LEU B 83 -13.10 -10.13 -16.87
CA LEU B 83 -13.58 -11.40 -17.42
C LEU B 83 -14.92 -11.36 -18.16
N GLY B 84 -15.60 -10.23 -18.15
CA GLY B 84 -16.87 -10.14 -18.81
C GLY B 84 -17.82 -11.14 -18.17
N ASP B 85 -18.60 -11.84 -18.99
CA ASP B 85 -19.54 -12.83 -18.48
C ASP B 85 -18.91 -14.16 -18.13
N GLY B 86 -17.58 -14.21 -18.15
CA GLY B 86 -16.88 -15.43 -17.78
C GLY B 86 -16.48 -15.42 -16.31
N LEU B 87 -17.03 -14.47 -15.55
CA LEU B 87 -16.74 -14.34 -14.13
C LEU B 87 -17.55 -15.32 -13.28
N LYS B 88 -16.87 -16.30 -12.72
CA LYS B 88 -17.48 -17.31 -11.86
C LYS B 88 -17.12 -16.97 -10.43
N SER B 89 -17.94 -16.12 -9.81
CA SER B 89 -17.72 -15.69 -8.44
C SER B 89 -17.44 -16.83 -7.47
N GLU B 90 -18.18 -17.93 -7.59
CA GLU B 90 -18.01 -19.06 -6.68
C GLU B 90 -16.60 -19.66 -6.70
N THR B 91 -15.82 -19.37 -7.74
CA THR B 91 -14.45 -19.87 -7.82
C THR B 91 -13.44 -18.76 -8.05
N THR B 92 -13.84 -17.51 -7.75
CA THR B 92 -12.95 -16.38 -7.94
C THR B 92 -12.71 -15.59 -6.66
N ALA B 93 -11.43 -15.40 -6.34
CA ALA B 93 -11.03 -14.63 -5.16
C ALA B 93 -10.47 -13.32 -5.69
N THR B 94 -10.75 -12.22 -5.00
CA THR B 94 -10.29 -10.91 -5.44
C THR B 94 -9.66 -10.13 -4.29
N LEU B 95 -8.51 -9.51 -4.57
CA LEU B 95 -7.81 -8.73 -3.56
C LEU B 95 -7.47 -7.35 -4.13
N ALA B 96 -7.89 -6.30 -3.43
CA ALA B 96 -7.57 -4.93 -3.85
C ALA B 96 -6.13 -4.68 -3.41
N THR B 97 -5.35 -4.09 -4.29
CA THR B 97 -3.95 -3.86 -4.00
C THR B 97 -3.48 -2.42 -4.25
N VAL B 98 -2.21 -2.15 -3.95
CA VAL B 98 -1.61 -0.84 -4.18
C VAL B 98 -1.05 -0.88 -5.60
N GLY B 99 -1.90 -0.52 -6.56
CA GLY B 99 -1.50 -0.51 -7.95
C GLY B 99 -1.28 -1.90 -8.55
N GLY B 100 -1.07 -1.94 -9.85
CA GLY B 100 -0.84 -3.21 -10.53
C GLY B 100 0.44 -3.85 -10.05
N THR B 101 1.41 -3.03 -9.68
CA THR B 101 2.67 -3.54 -9.18
C THR B 101 2.43 -4.31 -7.88
N GLY B 102 1.68 -3.70 -6.95
CA GLY B 102 1.40 -4.37 -5.69
C GLY B 102 0.68 -5.68 -5.93
N ALA B 103 -0.12 -5.72 -7.00
CA ALA B 103 -0.86 -6.93 -7.36
C ALA B 103 0.13 -8.04 -7.77
N LEU B 104 1.16 -7.66 -8.53
CA LEU B 104 2.15 -8.63 -8.98
C LEU B 104 2.89 -9.20 -7.77
N ARG B 105 3.36 -8.31 -6.90
CA ARG B 105 4.08 -8.70 -5.69
C ARG B 105 3.25 -9.69 -4.88
N GLN B 106 1.97 -9.35 -4.67
CA GLN B 106 1.07 -10.21 -3.92
C GLN B 106 0.86 -11.53 -4.68
N ALA B 107 0.83 -11.45 -6.01
CA ALA B 107 0.65 -12.62 -6.87
C ALA B 107 1.79 -13.61 -6.65
N LEU B 108 3.00 -13.08 -6.53
CA LEU B 108 4.18 -13.91 -6.31
C LEU B 108 4.18 -14.49 -4.89
N GLU B 109 3.84 -13.66 -3.91
CA GLU B 109 3.78 -14.08 -2.52
C GLU B 109 2.82 -15.27 -2.35
N LEU B 110 1.61 -15.12 -2.88
CA LEU B 110 0.59 -16.15 -2.80
C LEU B 110 1.07 -17.45 -3.46
N ALA B 111 1.64 -17.32 -4.65
CA ALA B 111 2.15 -18.45 -5.40
C ALA B 111 3.27 -19.15 -4.65
N ARG B 112 4.19 -18.37 -4.09
CA ARG B 112 5.31 -18.93 -3.35
C ARG B 112 4.85 -19.66 -2.10
N MET B 113 3.77 -19.18 -1.49
CA MET B 113 3.23 -19.82 -0.29
C MET B 113 2.78 -21.23 -0.64
N ALA B 114 2.06 -21.35 -1.77
CA ALA B 114 1.54 -22.62 -2.24
C ALA B 114 2.58 -23.52 -2.88
N ASN B 115 3.70 -22.93 -3.30
CA ASN B 115 4.77 -23.70 -3.92
C ASN B 115 6.13 -23.06 -3.74
N PRO B 116 6.81 -23.36 -2.63
CA PRO B 116 8.13 -22.82 -2.31
C PRO B 116 9.20 -23.11 -3.37
N ASP B 117 8.95 -24.07 -4.23
CA ASP B 117 9.91 -24.42 -5.28
C ASP B 117 9.43 -23.98 -6.67
N LEU B 118 8.69 -22.88 -6.72
CA LEU B 118 8.20 -22.40 -8.00
C LEU B 118 9.27 -21.61 -8.77
N ARG B 119 9.19 -21.67 -10.09
CA ARG B 119 10.09 -20.95 -10.96
C ARG B 119 9.16 -20.04 -11.75
N VAL B 120 9.68 -18.92 -12.25
CA VAL B 120 8.85 -18.01 -13.04
C VAL B 120 9.45 -17.81 -14.43
N PHE B 121 8.61 -18.00 -15.45
CA PHE B 121 9.01 -17.82 -16.84
C PHE B 121 8.57 -16.43 -17.29
N VAL B 122 9.49 -15.63 -17.81
CA VAL B 122 9.17 -14.28 -18.29
C VAL B 122 9.59 -14.10 -19.74
N SER B 123 8.92 -13.19 -20.43
CA SER B 123 9.22 -12.91 -21.83
C SER B 123 10.51 -12.14 -22.05
N ASP B 124 11.14 -12.38 -23.19
CA ASP B 124 12.37 -11.69 -23.53
C ASP B 124 12.13 -10.71 -24.68
N PRO B 125 12.04 -9.41 -24.38
CA PRO B 125 12.15 -8.82 -23.04
C PRO B 125 10.79 -8.68 -22.33
N THR B 126 10.81 -8.03 -21.17
CA THR B 126 9.61 -7.79 -20.38
C THR B 126 9.87 -6.60 -19.48
N TRP B 127 8.81 -6.11 -18.85
CA TRP B 127 8.86 -4.99 -17.92
C TRP B 127 9.95 -5.26 -16.88
N PRO B 128 11.00 -4.42 -16.84
CA PRO B 128 12.12 -4.55 -15.90
C PRO B 128 11.72 -4.82 -14.46
N ASN B 129 10.65 -4.15 -14.00
CA ASN B 129 10.17 -4.34 -12.63
C ASN B 129 9.75 -5.78 -12.33
N HIS B 130 9.50 -6.57 -13.37
CA HIS B 130 9.13 -7.97 -13.18
C HIS B 130 10.31 -8.72 -12.57
N VAL B 131 11.48 -8.55 -13.19
CA VAL B 131 12.68 -9.22 -12.73
C VAL B 131 13.19 -8.72 -11.37
N SER B 132 13.18 -7.41 -11.15
CA SER B 132 13.68 -6.86 -9.89
C SER B 132 12.93 -7.42 -8.70
N ILE B 133 11.61 -7.45 -8.78
CA ILE B 133 10.78 -7.99 -7.71
C ILE B 133 11.11 -9.47 -7.48
N MET B 134 11.17 -10.25 -8.55
CA MET B 134 11.47 -11.67 -8.43
C MET B 134 12.85 -11.89 -7.80
N ASN B 135 13.81 -11.05 -8.17
CA ASN B 135 15.16 -11.13 -7.61
C ASN B 135 15.12 -10.79 -6.12
N PHE B 136 14.41 -9.71 -5.79
CA PHE B 136 14.26 -9.28 -4.40
C PHE B 136 13.78 -10.45 -3.55
N MET B 137 12.74 -11.13 -4.02
CA MET B 137 12.18 -12.28 -3.32
C MET B 137 13.07 -13.52 -3.42
N GLY B 138 13.98 -13.54 -4.39
CA GLY B 138 14.85 -14.67 -4.56
C GLY B 138 14.18 -15.83 -5.30
N LEU B 139 13.36 -15.48 -6.29
CA LEU B 139 12.65 -16.47 -7.10
C LEU B 139 13.42 -16.70 -8.38
N PRO B 140 13.67 -17.97 -8.73
CA PRO B 140 14.40 -18.33 -9.95
C PRO B 140 13.64 -17.91 -11.21
N VAL B 141 14.31 -17.15 -12.08
CA VAL B 141 13.70 -16.67 -13.31
C VAL B 141 14.23 -17.35 -14.57
N GLN B 142 13.29 -17.79 -15.40
CA GLN B 142 13.57 -18.43 -16.68
C GLN B 142 12.95 -17.48 -17.68
N THR B 143 13.42 -17.49 -18.92
CA THR B 143 12.87 -16.61 -19.93
C THR B 143 12.43 -17.41 -21.13
N TYR B 144 11.43 -16.90 -21.84
CA TYR B 144 10.95 -17.55 -23.04
C TYR B 144 11.12 -16.54 -24.15
N ARG B 145 11.51 -17.02 -25.32
CA ARG B 145 11.71 -16.15 -26.47
C ARG B 145 10.35 -15.56 -26.81
N TYR B 146 10.33 -14.25 -27.04
CA TYR B 146 9.08 -13.56 -27.34
C TYR B 146 9.25 -12.58 -28.49
N PHE B 147 10.14 -11.60 -28.32
CA PHE B 147 10.37 -10.60 -29.35
C PHE B 147 11.32 -11.11 -30.43
N ASP B 148 10.99 -10.83 -31.68
CA ASP B 148 11.82 -11.24 -32.80
C ASP B 148 12.58 -10.00 -33.22
N ALA B 149 13.88 -10.01 -32.94
CA ALA B 149 14.76 -8.89 -33.26
C ALA B 149 14.66 -8.30 -34.67
N GLU B 150 14.57 -9.16 -35.68
CA GLU B 150 14.50 -8.65 -37.05
C GLU B 150 13.13 -8.14 -37.50
N THR B 151 12.12 -9.01 -37.47
CA THR B 151 10.79 -8.64 -37.90
C THR B 151 10.06 -7.72 -36.92
N ARG B 152 10.64 -7.55 -35.73
CA ARG B 152 10.05 -6.73 -34.68
C ARG B 152 8.71 -7.28 -34.21
N GLY B 153 8.38 -8.50 -34.63
CA GLY B 153 7.14 -9.12 -34.21
C GLY B 153 7.41 -10.14 -33.12
N VAL B 154 6.53 -11.12 -32.99
CA VAL B 154 6.69 -12.17 -31.99
C VAL B 154 7.34 -13.42 -32.57
N ASP B 155 8.34 -13.95 -31.88
CA ASP B 155 9.02 -15.17 -32.28
C ASP B 155 8.18 -16.30 -31.68
N PHE B 156 7.00 -16.51 -32.26
CA PHE B 156 6.06 -17.51 -31.78
C PHE B 156 6.56 -18.95 -31.63
N GLU B 157 7.34 -19.43 -32.59
CA GLU B 157 7.86 -20.79 -32.53
C GLU B 157 8.87 -20.99 -31.39
N GLY B 158 9.69 -19.97 -31.14
CA GLY B 158 10.64 -20.04 -30.06
C GLY B 158 9.91 -19.99 -28.72
N MET B 159 8.85 -19.19 -28.68
CA MET B 159 8.02 -19.03 -27.48
C MET B 159 7.38 -20.34 -27.03
N LYS B 160 6.72 -21.02 -27.97
CA LYS B 160 6.07 -22.30 -27.68
C LYS B 160 7.09 -23.34 -27.24
N ALA B 161 8.25 -23.32 -27.90
CA ALA B 161 9.33 -24.24 -27.59
C ALA B 161 9.76 -24.12 -26.13
N ASP B 162 10.06 -22.89 -25.71
CA ASP B 162 10.50 -22.64 -24.36
C ASP B 162 9.41 -22.94 -23.33
N LEU B 163 8.18 -22.54 -23.62
CA LEU B 163 7.08 -22.79 -22.68
C LEU B 163 6.85 -24.27 -22.45
N ALA B 164 7.16 -25.07 -23.47
CA ALA B 164 6.97 -26.51 -23.37
C ALA B 164 7.84 -27.11 -22.26
N ALA B 165 8.91 -26.40 -21.90
CA ALA B 165 9.83 -26.85 -20.85
C ALA B 165 9.37 -26.58 -19.42
N ALA B 166 8.20 -25.95 -19.26
CA ALA B 166 7.68 -25.66 -17.92
C ALA B 166 7.15 -26.94 -17.27
N LYS B 167 6.91 -26.89 -15.96
CA LYS B 167 6.43 -28.07 -15.24
C LYS B 167 5.31 -27.68 -14.28
N LYS B 168 4.72 -28.69 -13.63
CA LYS B 168 3.68 -28.46 -12.63
C LYS B 168 4.30 -27.58 -11.57
N GLY B 169 3.59 -26.55 -11.13
CA GLY B 169 4.12 -25.68 -10.09
C GLY B 169 4.80 -24.43 -10.62
N ASP B 170 5.32 -24.49 -11.84
CA ASP B 170 5.98 -23.33 -12.44
C ASP B 170 4.93 -22.30 -12.83
N MET B 171 5.36 -21.04 -12.90
CA MET B 171 4.46 -19.96 -13.26
C MET B 171 4.97 -19.30 -14.53
N VAL B 172 4.05 -18.93 -15.40
CA VAL B 172 4.41 -18.27 -16.66
C VAL B 172 3.72 -16.90 -16.68
N LEU B 173 4.51 -15.85 -16.79
CA LEU B 173 3.96 -14.50 -16.81
C LEU B 173 3.69 -14.04 -18.24
N LEU B 174 2.42 -13.75 -18.54
CA LEU B 174 2.03 -13.27 -19.86
C LEU B 174 1.46 -11.87 -19.73
N HIS B 175 1.68 -11.03 -20.75
CA HIS B 175 1.13 -9.69 -20.76
C HIS B 175 -0.21 -9.89 -21.48
N GLY B 176 -1.32 -9.61 -20.80
CA GLY B 176 -2.64 -9.79 -21.39
C GLY B 176 -2.81 -9.12 -22.74
N CYS B 177 -2.28 -7.91 -22.85
CA CYS B 177 -2.35 -7.12 -24.09
C CYS B 177 -1.27 -6.07 -24.01
N CYS B 178 -1.05 -5.36 -25.11
CA CYS B 178 -0.05 -4.28 -25.18
C CYS B 178 1.23 -4.60 -24.40
N HIS B 179 2.08 -5.45 -24.99
CA HIS B 179 3.32 -5.87 -24.38
C HIS B 179 4.33 -4.75 -24.11
N ASN B 180 4.70 -4.60 -22.85
CA ASN B 180 5.68 -3.61 -22.41
C ASN B 180 6.98 -4.42 -22.31
N PRO B 181 8.07 -3.94 -22.93
CA PRO B 181 8.29 -2.72 -23.73
C PRO B 181 8.25 -2.82 -25.26
N THR B 182 7.92 -3.99 -25.82
CA THR B 182 7.95 -4.12 -27.28
C THR B 182 6.79 -3.64 -28.13
N GLY B 183 5.57 -3.84 -27.67
CA GLY B 183 4.42 -3.43 -28.46
C GLY B 183 3.96 -4.58 -29.35
N ALA B 184 4.78 -5.62 -29.44
CA ALA B 184 4.45 -6.82 -30.22
C ALA B 184 3.47 -7.62 -29.37
N ASN B 185 2.41 -8.12 -29.98
CA ASN B 185 1.37 -8.84 -29.23
C ASN B 185 0.91 -10.13 -29.88
N LEU B 186 0.40 -11.05 -29.06
CA LEU B 186 -0.09 -12.32 -29.56
C LEU B 186 -1.50 -12.16 -30.10
N THR B 187 -1.83 -12.91 -31.14
CA THR B 187 -3.16 -12.86 -31.72
C THR B 187 -3.99 -13.87 -30.94
N LEU B 188 -5.30 -13.88 -31.14
CA LEU B 188 -6.16 -14.81 -30.43
C LEU B 188 -5.82 -16.25 -30.78
N ASP B 189 -5.44 -16.49 -32.03
CA ASP B 189 -5.08 -17.83 -32.46
C ASP B 189 -3.81 -18.30 -31.74
N GLN B 190 -2.89 -17.38 -31.52
CA GLN B 190 -1.66 -17.68 -30.81
C GLN B 190 -1.99 -17.95 -29.35
N TRP B 191 -2.94 -17.20 -28.79
CA TRP B 191 -3.34 -17.39 -27.40
C TRP B 191 -3.89 -18.78 -27.17
N ALA B 192 -4.74 -19.25 -28.10
CA ALA B 192 -5.33 -20.59 -27.99
C ALA B 192 -4.24 -21.66 -28.00
N GLU B 193 -3.18 -21.42 -28.75
CA GLU B 193 -2.05 -22.36 -28.81
C GLU B 193 -1.28 -22.33 -27.49
N ILE B 194 -1.14 -21.14 -26.91
CA ILE B 194 -0.44 -21.01 -25.64
C ILE B 194 -1.24 -21.73 -24.56
N ALA B 195 -2.57 -21.61 -24.64
CA ALA B 195 -3.45 -22.25 -23.69
C ALA B 195 -3.25 -23.75 -23.68
N SER B 196 -3.14 -24.36 -24.86
CA SER B 196 -2.95 -25.80 -24.96
C SER B 196 -1.63 -26.24 -24.34
N ILE B 197 -0.58 -25.44 -24.53
CA ILE B 197 0.73 -25.75 -23.96
C ILE B 197 0.62 -25.74 -22.43
N LEU B 198 0.07 -24.64 -21.89
CA LEU B 198 -0.11 -24.47 -20.46
C LEU B 198 -0.95 -25.58 -19.86
N GLU B 199 -2.04 -25.91 -20.55
CA GLU B 199 -2.94 -26.96 -20.09
C GLU B 199 -2.21 -28.30 -19.95
N LYS B 200 -1.32 -28.59 -20.89
CA LYS B 200 -0.58 -29.85 -20.85
C LYS B 200 0.61 -29.83 -19.88
N THR B 201 1.15 -28.66 -19.59
CA THR B 201 2.28 -28.56 -18.68
C THR B 201 1.87 -28.36 -17.22
N GLY B 202 0.68 -27.81 -17.00
CA GLY B 202 0.22 -27.56 -15.64
C GLY B 202 0.83 -26.33 -15.01
N ALA B 203 1.47 -25.48 -15.83
CA ALA B 203 2.09 -24.26 -15.33
C ALA B 203 1.05 -23.16 -15.10
N LEU B 204 1.06 -22.59 -13.90
CA LEU B 204 0.13 -21.52 -13.51
C LEU B 204 0.48 -20.22 -14.21
N PRO B 205 -0.48 -19.68 -14.98
CA PRO B 205 -0.24 -18.42 -15.70
C PRO B 205 -0.56 -17.19 -14.85
N LEU B 206 0.33 -16.21 -14.89
CA LEU B 206 0.12 -14.95 -14.18
C LEU B 206 -0.01 -13.94 -15.32
N ILE B 207 -1.18 -13.33 -15.43
CA ILE B 207 -1.44 -12.36 -16.47
C ILE B 207 -1.31 -10.95 -15.94
N ASP B 208 -0.44 -10.17 -16.58
CA ASP B 208 -0.22 -8.78 -16.20
C ASP B 208 -1.12 -7.97 -17.12
N LEU B 209 -2.19 -7.42 -16.56
CA LEU B 209 -3.13 -6.62 -17.34
C LEU B 209 -3.05 -5.18 -16.88
N ALA B 210 -2.23 -4.39 -17.57
CA ALA B 210 -2.02 -2.98 -17.22
C ALA B 210 -2.54 -1.97 -18.25
N TYR B 211 -2.77 -2.41 -19.48
CA TYR B 211 -3.23 -1.50 -20.53
C TYR B 211 -4.53 -1.91 -21.22
N GLN B 212 -5.47 -2.48 -20.49
CA GLN B 212 -6.72 -2.89 -21.12
C GLN B 212 -7.45 -1.66 -21.64
N GLY B 213 -7.56 -1.55 -22.97
CA GLY B 213 -8.24 -0.41 -23.56
C GLY B 213 -7.34 0.41 -24.47
N PHE B 214 -6.02 0.21 -24.36
CA PHE B 214 -5.06 0.94 -25.17
C PHE B 214 -4.66 0.21 -26.45
N GLY B 215 -5.08 -1.04 -26.56
CA GLY B 215 -4.75 -1.80 -27.76
C GLY B 215 -5.79 -1.65 -28.85
N ASP B 216 -6.73 -2.59 -28.88
CA ASP B 216 -7.79 -2.60 -29.87
C ASP B 216 -9.14 -2.17 -29.29
N GLY B 217 -9.26 -2.19 -27.97
CA GLY B 217 -10.50 -1.80 -27.34
C GLY B 217 -10.64 -2.47 -26.01
N LEU B 218 -11.52 -1.96 -25.15
CA LEU B 218 -11.72 -2.53 -23.82
C LEU B 218 -11.97 -4.03 -23.83
N GLU B 219 -12.91 -4.48 -24.64
CA GLU B 219 -13.25 -5.89 -24.71
C GLU B 219 -12.24 -6.73 -25.48
N GLU B 220 -11.77 -6.24 -26.62
CA GLU B 220 -10.79 -7.00 -27.41
C GLU B 220 -9.47 -7.20 -26.69
N ASP B 221 -9.09 -6.24 -25.85
CA ASP B 221 -7.83 -6.35 -25.12
C ASP B 221 -7.88 -7.36 -23.97
N ALA B 222 -9.08 -7.79 -23.60
CA ALA B 222 -9.25 -8.77 -22.53
C ALA B 222 -9.59 -10.15 -23.09
N ALA B 223 -9.75 -10.23 -24.41
CA ALA B 223 -10.12 -11.48 -25.08
C ALA B 223 -9.12 -12.61 -24.83
N GLY B 224 -7.82 -12.29 -24.86
CA GLY B 224 -6.80 -13.29 -24.62
C GLY B 224 -6.86 -13.83 -23.19
N THR B 225 -7.01 -12.92 -22.24
CA THR B 225 -7.12 -13.27 -20.83
C THR B 225 -8.35 -14.15 -20.60
N ARG B 226 -9.44 -13.82 -21.29
CA ARG B 226 -10.69 -14.55 -21.17
C ARG B 226 -10.59 -15.95 -21.78
N LEU B 227 -9.71 -16.11 -22.76
CA LEU B 227 -9.50 -17.40 -23.40
C LEU B 227 -8.78 -18.32 -22.41
N ILE B 228 -7.65 -17.86 -21.87
CA ILE B 228 -6.88 -18.63 -20.91
C ILE B 228 -7.77 -19.01 -19.73
N ALA B 229 -8.57 -18.06 -19.26
CA ALA B 229 -9.45 -18.28 -18.13
C ALA B 229 -10.51 -19.36 -18.35
N SER B 230 -10.98 -19.47 -19.60
CA SER B 230 -11.99 -20.46 -19.92
C SER B 230 -11.41 -21.84 -20.17
N ARG B 231 -10.09 -21.92 -20.27
CA ARG B 231 -9.42 -23.20 -20.51
C ARG B 231 -8.68 -23.72 -19.27
N ILE B 232 -7.94 -22.83 -18.61
CA ILE B 232 -7.15 -23.17 -17.44
C ILE B 232 -7.95 -23.00 -16.16
N PRO B 233 -8.11 -24.09 -15.40
CA PRO B 233 -8.86 -24.07 -14.13
C PRO B 233 -8.32 -23.12 -13.06
N GLU B 234 -7.02 -22.88 -13.07
CA GLU B 234 -6.38 -22.02 -12.09
C GLU B 234 -5.59 -20.89 -12.77
N VAL B 235 -6.03 -19.65 -12.58
CA VAL B 235 -5.38 -18.50 -13.21
C VAL B 235 -5.25 -17.30 -12.26
N LEU B 236 -4.17 -16.55 -12.41
CA LEU B 236 -3.91 -15.37 -11.59
C LEU B 236 -3.79 -14.17 -12.53
N ILE B 237 -4.50 -13.10 -12.22
CA ILE B 237 -4.49 -11.88 -13.05
C ILE B 237 -4.20 -10.65 -12.19
N ALA B 238 -3.12 -9.94 -12.49
CA ALA B 238 -2.75 -8.74 -11.76
C ALA B 238 -3.11 -7.56 -12.66
N ALA B 239 -4.19 -6.87 -12.30
CA ALA B 239 -4.70 -5.74 -13.09
C ALA B 239 -4.40 -4.36 -12.55
N SER B 240 -4.18 -3.42 -13.46
CA SER B 240 -3.86 -2.04 -13.09
C SER B 240 -4.90 -1.07 -13.62
N CYS B 241 -5.31 -0.13 -12.77
CA CYS B 241 -6.26 0.91 -13.13
C CYS B 241 -5.49 2.22 -13.36
N SER B 242 -4.19 2.19 -13.12
CA SER B 242 -3.35 3.38 -13.26
C SER B 242 -3.44 4.08 -14.61
N LYS B 243 -3.30 3.32 -15.70
CA LYS B 243 -3.34 3.90 -17.02
C LYS B 243 -4.74 4.06 -17.64
N ASN B 244 -5.54 3.00 -17.66
CA ASN B 244 -6.86 3.12 -18.27
C ASN B 244 -7.90 4.02 -17.58
N PHE B 245 -7.63 4.40 -16.34
CA PHE B 245 -8.49 5.32 -15.59
C PHE B 245 -7.73 6.62 -15.33
N GLY B 246 -6.44 6.62 -15.67
CA GLY B 246 -5.59 7.79 -15.47
C GLY B 246 -5.41 8.20 -14.02
N ILE B 247 -5.38 7.22 -13.12
CA ILE B 247 -5.23 7.49 -11.69
C ILE B 247 -3.95 6.91 -11.10
N TYR B 248 -2.87 7.05 -11.86
CA TYR B 248 -1.53 6.58 -11.52
C TYR B 248 -1.10 6.74 -10.05
N ARG B 249 -1.11 7.99 -9.55
CA ARG B 249 -0.69 8.27 -8.17
C ARG B 249 -1.64 7.79 -7.07
N GLU B 250 -2.85 7.37 -7.42
CA GLU B 250 -3.80 6.89 -6.43
C GLU B 250 -3.44 5.49 -5.93
N ARG B 251 -2.73 4.75 -6.77
CA ARG B 251 -2.27 3.40 -6.46
C ARG B 251 -3.44 2.43 -6.32
N THR B 252 -4.03 2.06 -7.45
CA THR B 252 -5.14 1.15 -7.44
C THR B 252 -5.10 0.10 -8.54
N GLY B 253 -5.30 -1.14 -8.11
CA GLY B 253 -5.31 -2.29 -9.00
C GLY B 253 -5.90 -3.42 -8.18
N CYS B 254 -5.83 -4.64 -8.70
CA CYS B 254 -6.35 -5.79 -7.95
C CYS B 254 -5.81 -7.11 -8.49
N LEU B 255 -5.83 -8.11 -7.64
CA LEU B 255 -5.36 -9.43 -8.00
C LEU B 255 -6.56 -10.37 -8.00
N LEU B 256 -6.72 -11.10 -9.11
CA LEU B 256 -7.81 -12.05 -9.25
C LEU B 256 -7.25 -13.46 -9.22
N ALA B 257 -7.75 -14.28 -8.29
CA ALA B 257 -7.33 -15.66 -8.17
C ALA B 257 -8.47 -16.57 -8.66
N LEU B 258 -8.31 -17.11 -9.85
CA LEU B 258 -9.31 -18.01 -10.42
C LEU B 258 -8.97 -19.41 -9.96
N CYS B 259 -9.94 -20.06 -9.31
CA CYS B 259 -9.74 -21.39 -8.78
C CYS B 259 -10.69 -22.41 -9.43
N ALA B 260 -10.38 -23.69 -9.26
CA ALA B 260 -11.17 -24.77 -9.83
C ALA B 260 -12.43 -25.10 -9.03
N ASP B 261 -12.46 -24.75 -7.75
CA ASP B 261 -13.63 -25.03 -6.92
C ASP B 261 -13.78 -24.01 -5.81
N ALA B 262 -14.91 -24.05 -5.11
CA ALA B 262 -15.16 -23.10 -4.04
C ALA B 262 -14.19 -23.24 -2.86
N ALA B 263 -13.82 -24.48 -2.54
CA ALA B 263 -12.91 -24.75 -1.43
C ALA B 263 -11.60 -23.99 -1.58
N THR B 264 -10.97 -24.09 -2.74
CA THR B 264 -9.73 -23.40 -2.98
C THR B 264 -9.95 -21.90 -2.98
N ARG B 265 -11.12 -21.46 -3.44
CA ARG B 265 -11.44 -20.04 -3.47
C ARG B 265 -11.35 -19.45 -2.08
N GLU B 266 -11.96 -20.12 -1.11
CA GLU B 266 -11.93 -19.64 0.27
C GLU B 266 -10.51 -19.59 0.82
N LEU B 267 -9.70 -20.58 0.43
CA LEU B 267 -8.31 -20.65 0.86
C LEU B 267 -7.52 -19.47 0.33
N ALA B 268 -7.65 -19.24 -0.98
CA ALA B 268 -6.96 -18.17 -1.67
C ALA B 268 -7.35 -16.82 -1.11
N GLN B 269 -8.66 -16.60 -0.99
CA GLN B 269 -9.19 -15.36 -0.45
C GLN B 269 -8.63 -15.09 0.93
N GLY B 270 -8.54 -16.14 1.75
CA GLY B 270 -8.02 -16.01 3.09
C GLY B 270 -6.53 -15.68 3.10
N ALA B 271 -5.76 -16.39 2.30
CA ALA B 271 -4.33 -16.17 2.20
C ALA B 271 -4.03 -14.79 1.59
N MET B 272 -4.91 -14.33 0.69
CA MET B 272 -4.76 -13.04 0.03
C MET B 272 -4.99 -11.90 1.01
N ALA B 273 -6.02 -12.03 1.83
CA ALA B 273 -6.38 -11.03 2.84
C ALA B 273 -5.27 -10.94 3.91
N PHE B 274 -4.79 -12.11 4.31
CA PHE B 274 -3.71 -12.24 5.27
C PHE B 274 -2.47 -11.54 4.71
N LEU B 275 -2.26 -11.68 3.41
CA LEU B 275 -1.13 -11.08 2.71
C LEU B 275 -1.15 -9.54 2.81
N ASN B 276 -2.33 -8.95 2.78
CA ASN B 276 -2.45 -7.50 2.89
C ASN B 276 -2.26 -7.09 4.33
N ARG B 277 -2.86 -7.85 5.23
CA ARG B 277 -2.78 -7.60 6.66
C ARG B 277 -1.33 -7.55 7.12
N GLN B 278 -0.51 -8.50 6.67
CA GLN B 278 0.89 -8.56 7.05
C GLN B 278 1.80 -7.57 6.31
N THR B 279 1.29 -6.92 5.27
CA THR B 279 2.11 -5.97 4.51
C THR B 279 1.80 -4.51 4.83
N TYR B 280 0.53 -4.15 4.83
CA TYR B 280 0.13 -2.77 5.10
C TYR B 280 -1.27 -2.65 5.70
N SER B 281 -1.80 -3.78 6.15
CA SER B 281 -3.14 -3.82 6.72
C SER B 281 -4.14 -3.59 5.57
N PHE B 282 -4.87 -2.48 5.59
CA PHE B 282 -5.86 -2.21 4.54
C PHE B 282 -5.31 -1.54 3.28
N PRO B 283 -5.94 -1.79 2.11
CA PRO B 283 -5.51 -1.20 0.85
C PRO B 283 -6.07 0.23 0.70
N PRO B 284 -5.39 1.08 -0.08
CA PRO B 284 -5.88 2.46 -0.26
C PRO B 284 -7.30 2.47 -0.82
N PHE B 285 -8.13 3.36 -0.28
CA PHE B 285 -9.52 3.47 -0.68
C PHE B 285 -9.89 4.43 -1.83
N HIS B 286 -9.30 5.62 -1.85
CA HIS B 286 -9.65 6.63 -2.85
C HIS B 286 -9.70 6.25 -4.32
N GLY B 287 -8.67 5.54 -4.79
CA GLY B 287 -8.64 5.14 -6.19
C GLY B 287 -9.64 4.07 -6.53
N ALA B 288 -9.77 3.08 -5.64
CA ALA B 288 -10.71 1.97 -5.84
C ALA B 288 -12.14 2.48 -5.87
N LYS B 289 -12.41 3.51 -5.06
CA LYS B 289 -13.75 4.11 -4.98
C LYS B 289 -14.12 4.80 -6.29
N ILE B 290 -13.17 5.57 -6.83
CA ILE B 290 -13.36 6.28 -8.08
C ILE B 290 -13.72 5.26 -9.18
N VAL B 291 -12.92 4.21 -9.29
CA VAL B 291 -13.10 3.17 -10.28
C VAL B 291 -14.48 2.52 -10.22
N SER B 292 -14.89 2.09 -9.03
CA SER B 292 -16.18 1.43 -8.89
C SER B 292 -17.33 2.39 -9.19
N THR B 293 -17.21 3.64 -8.75
CA THR B 293 -18.25 4.63 -9.03
C THR B 293 -18.40 4.79 -10.54
N VAL B 294 -17.28 4.93 -11.26
CA VAL B 294 -17.31 5.08 -12.71
C VAL B 294 -17.99 3.88 -13.36
N LEU B 295 -17.54 2.69 -12.97
CA LEU B 295 -18.05 1.43 -13.50
C LEU B 295 -19.50 1.07 -13.16
N THR B 296 -20.02 1.57 -12.05
CA THR B 296 -21.39 1.25 -11.68
C THR B 296 -22.39 2.36 -12.00
N THR B 297 -21.89 3.46 -12.54
CA THR B 297 -22.76 4.57 -12.91
C THR B 297 -22.80 4.67 -14.44
N PRO B 298 -23.82 4.04 -15.06
CA PRO B 298 -24.01 4.00 -16.51
C PRO B 298 -23.56 5.27 -17.23
N GLU B 299 -23.98 6.41 -16.71
CA GLU B 299 -23.63 7.70 -17.29
C GLU B 299 -22.13 7.97 -17.28
N LEU B 300 -21.48 7.72 -16.15
CA LEU B 300 -20.04 7.93 -16.02
C LEU B 300 -19.25 6.91 -16.84
N ARG B 301 -19.69 5.66 -16.82
CA ARG B 301 -19.03 4.58 -17.55
C ARG B 301 -18.97 4.89 -19.05
N ALA B 302 -20.12 5.28 -19.61
CA ALA B 302 -20.20 5.60 -21.02
C ALA B 302 -19.20 6.69 -21.42
N ASP B 303 -19.12 7.73 -20.60
CA ASP B 303 -18.20 8.83 -20.88
C ASP B 303 -16.74 8.41 -20.75
N TRP B 304 -16.48 7.48 -19.83
CA TRP B 304 -15.12 6.97 -19.63
C TRP B 304 -14.66 6.20 -20.86
N MET B 305 -15.52 5.29 -21.32
CA MET B 305 -15.22 4.46 -22.49
C MET B 305 -15.01 5.36 -23.70
N ALA B 306 -15.84 6.40 -23.81
CA ALA B 306 -15.75 7.35 -24.91
C ALA B 306 -14.39 8.04 -24.93
N GLU B 307 -13.96 8.52 -23.77
CA GLU B 307 -12.67 9.19 -23.67
C GLU B 307 -11.50 8.21 -23.86
N LEU B 308 -11.60 7.02 -23.29
CA LEU B 308 -10.56 6.01 -23.42
C LEU B 308 -10.45 5.65 -24.91
N GLU B 309 -11.60 5.60 -25.57
CA GLU B 309 -11.70 5.29 -27.00
C GLU B 309 -10.95 6.35 -27.80
N ALA B 310 -11.22 7.61 -27.45
CA ALA B 310 -10.59 8.77 -28.08
C ALA B 310 -9.07 8.68 -27.96
N VAL B 311 -8.59 8.35 -26.76
CA VAL B 311 -7.16 8.22 -26.50
C VAL B 311 -6.56 7.12 -27.39
N ARG B 312 -7.19 5.95 -27.36
CA ARG B 312 -6.76 4.80 -28.13
C ARG B 312 -6.69 5.08 -29.62
N SER B 313 -7.71 5.74 -30.15
CA SER B 313 -7.76 6.08 -31.56
C SER B 313 -6.63 7.03 -31.93
N GLY B 314 -6.48 8.08 -31.12
CA GLY B 314 -5.43 9.06 -31.37
C GLY B 314 -4.06 8.43 -31.47
N MET B 315 -3.72 7.58 -30.50
CA MET B 315 -2.43 6.90 -30.50
C MET B 315 -2.19 6.10 -31.77
N LEU B 316 -3.23 5.46 -32.30
CA LEU B 316 -3.10 4.70 -33.54
C LEU B 316 -2.82 5.69 -34.66
N ARG B 317 -3.47 6.84 -34.59
CA ARG B 317 -3.30 7.88 -35.60
C ARG B 317 -1.80 8.22 -35.64
N LEU B 318 -1.20 8.40 -34.46
CA LEU B 318 0.21 8.73 -34.36
C LEU B 318 1.11 7.63 -34.92
N ARG B 319 0.84 6.37 -34.58
CA ARG B 319 1.66 5.27 -35.08
C ARG B 319 1.67 5.28 -36.60
N GLU B 320 0.49 5.52 -37.18
CA GLU B 320 0.35 5.55 -38.62
C GLU B 320 1.11 6.72 -39.23
N GLN B 321 0.96 7.89 -38.61
CA GLN B 321 1.62 9.10 -39.08
C GLN B 321 3.14 8.97 -38.98
N LEU B 322 3.61 8.40 -37.87
CA LEU B 322 5.04 8.21 -37.66
C LEU B 322 5.59 7.23 -38.67
N ALA B 323 4.92 6.10 -38.82
CA ALA B 323 5.35 5.08 -39.76
C ALA B 323 5.46 5.68 -41.16
N GLY B 324 4.49 6.52 -41.52
CA GLY B 324 4.47 7.16 -42.82
C GLY B 324 5.67 8.07 -43.04
N GLU B 325 5.92 8.94 -42.07
CA GLU B 325 7.04 9.88 -42.14
C GLU B 325 8.34 9.13 -42.40
N LEU B 326 8.56 8.03 -41.67
CA LEU B 326 9.77 7.23 -41.84
C LEU B 326 9.81 6.62 -43.24
N ARG B 327 8.67 6.12 -43.70
CA ARG B 327 8.61 5.51 -45.02
C ARG B 327 8.97 6.56 -46.09
N ASP B 328 8.29 7.69 -46.06
CA ASP B 328 8.55 8.76 -47.02
C ASP B 328 9.84 9.52 -46.75
N LEU B 329 10.72 8.95 -45.92
CA LEU B 329 11.99 9.59 -45.59
C LEU B 329 13.16 8.63 -45.84
N SER B 330 12.91 7.60 -46.65
CA SER B 330 13.94 6.61 -46.98
C SER B 330 13.43 5.56 -47.96
N GLY B 331 12.10 5.45 -48.06
CA GLY B 331 11.50 4.46 -48.94
C GLY B 331 11.65 3.10 -48.29
N SER B 332 12.19 3.09 -47.08
CA SER B 332 12.44 1.88 -46.32
C SER B 332 11.17 1.41 -45.61
N ASP B 333 10.54 0.39 -46.17
CA ASP B 333 9.33 -0.18 -45.58
C ASP B 333 9.68 -0.95 -44.30
N ARG B 334 10.96 -0.99 -43.94
CA ARG B 334 11.43 -1.71 -42.76
C ARG B 334 10.93 -1.13 -41.42
N PHE B 335 10.26 0.01 -41.47
CA PHE B 335 9.74 0.63 -40.26
C PHE B 335 8.23 0.43 -40.11
N GLY B 336 7.65 -0.39 -40.98
CA GLY B 336 6.22 -0.64 -40.94
C GLY B 336 5.70 -1.25 -39.65
N PHE B 337 6.55 -1.97 -38.94
CA PHE B 337 6.17 -2.61 -37.68
C PHE B 337 5.58 -1.61 -36.69
N VAL B 338 5.98 -0.35 -36.83
CA VAL B 338 5.51 0.73 -35.96
C VAL B 338 3.98 0.81 -35.91
N ALA B 339 3.35 0.76 -37.08
CA ALA B 339 1.89 0.84 -37.16
C ALA B 339 1.25 -0.50 -36.79
N GLU B 340 2.06 -1.56 -36.79
CA GLU B 340 1.58 -2.90 -36.48
C GLU B 340 1.59 -3.16 -34.97
N HIS B 341 2.50 -2.53 -34.26
CA HIS B 341 2.58 -2.70 -32.81
C HIS B 341 1.34 -2.08 -32.17
N ARG B 342 0.90 -2.67 -31.08
CA ARG B 342 -0.29 -2.17 -30.41
C ARG B 342 0.01 -1.81 -28.96
N GLY B 343 -0.41 -0.61 -28.56
CA GLY B 343 -0.18 -0.15 -27.20
C GLY B 343 0.44 1.22 -27.16
N MET B 344 1.04 1.56 -26.02
CA MET B 344 1.66 2.86 -25.85
C MET B 344 3.15 2.87 -26.20
N PHE B 345 3.75 1.68 -26.27
CA PHE B 345 5.18 1.56 -26.54
C PHE B 345 5.53 0.86 -27.84
N SER B 346 6.78 1.03 -28.24
CA SER B 346 7.31 0.43 -29.45
C SER B 346 8.81 0.56 -29.35
N ARG B 347 9.54 -0.51 -29.65
CA ARG B 347 10.99 -0.49 -29.60
C ARG B 347 11.56 -0.32 -31.00
N LEU B 348 12.32 0.75 -31.20
CA LEU B 348 12.92 1.04 -32.51
C LEU B 348 13.92 -0.01 -32.96
N GLY B 349 14.53 -0.71 -32.01
CA GLY B 349 15.51 -1.72 -32.34
C GLY B 349 16.92 -1.14 -32.46
N ALA B 350 17.03 0.17 -32.32
CA ALA B 350 18.33 0.84 -32.40
C ALA B 350 19.26 0.33 -31.31
N THR B 351 20.54 0.23 -31.63
CA THR B 351 21.55 -0.24 -30.67
C THR B 351 21.72 0.75 -29.52
N PRO B 352 22.13 0.25 -28.34
CA PRO B 352 22.32 1.11 -27.16
C PRO B 352 23.14 2.37 -27.42
N GLU B 353 24.19 2.26 -28.24
CA GLU B 353 25.03 3.42 -28.55
C GLU B 353 24.27 4.45 -29.38
N GLN B 354 23.42 3.97 -30.30
CA GLN B 354 22.63 4.85 -31.14
C GLN B 354 21.64 5.61 -30.25
N VAL B 355 21.07 4.88 -29.29
CA VAL B 355 20.10 5.42 -28.35
C VAL B 355 20.66 6.58 -27.53
N LYS B 356 21.78 6.34 -26.85
CA LYS B 356 22.39 7.37 -26.02
C LYS B 356 22.94 8.52 -26.85
N ARG B 357 23.27 8.24 -28.10
CA ARG B 357 23.81 9.24 -29.02
C ARG B 357 22.80 10.38 -29.20
N ILE B 358 21.61 10.03 -29.70
CA ILE B 358 20.56 11.01 -29.96
C ILE B 358 20.00 11.74 -28.75
N LYS B 359 19.95 11.07 -27.60
CA LYS B 359 19.41 11.69 -26.41
C LYS B 359 20.20 12.89 -25.88
N GLU B 360 21.52 12.78 -25.92
CA GLU B 360 22.41 13.82 -25.42
C GLU B 360 22.55 15.08 -26.29
N GLU B 361 21.92 15.07 -27.46
CA GLU B 361 22.00 16.20 -28.38
C GLU B 361 20.66 16.58 -29.00
N PHE B 362 19.89 15.59 -29.44
CA PHE B 362 18.59 15.81 -30.03
C PHE B 362 17.57 16.13 -28.93
N GLY B 363 17.86 15.65 -27.73
CA GLY B 363 16.97 15.89 -26.61
C GLY B 363 15.86 14.87 -26.51
N ILE B 364 15.85 13.90 -27.42
CA ILE B 364 14.83 12.85 -27.40
C ILE B 364 15.23 11.77 -26.40
N TYR B 365 14.63 11.82 -25.22
CA TYR B 365 14.93 10.84 -24.17
C TYR B 365 14.01 9.62 -24.18
N MET B 366 14.52 8.51 -24.71
CA MET B 366 13.80 7.25 -24.79
C MET B 366 14.58 6.24 -23.96
N VAL B 367 13.92 5.17 -23.55
CA VAL B 367 14.58 4.14 -22.74
C VAL B 367 15.75 3.52 -23.52
N GLY B 368 16.80 3.16 -22.79
CA GLY B 368 17.99 2.57 -23.38
C GLY B 368 17.83 1.54 -24.48
N ASP B 369 16.79 0.71 -24.39
CA ASP B 369 16.55 -0.32 -25.42
C ASP B 369 15.72 0.22 -26.58
N SER B 370 15.70 1.54 -26.72
CA SER B 370 14.95 2.21 -27.77
C SER B 370 13.43 2.08 -27.65
N ARG B 371 12.93 2.04 -26.41
CA ARG B 371 11.48 1.96 -26.19
C ARG B 371 10.97 3.38 -26.19
N ILE B 372 10.05 3.68 -27.10
CA ILE B 372 9.48 5.01 -27.19
C ILE B 372 8.01 5.02 -26.81
N ASN B 373 7.61 6.02 -26.03
CA ASN B 373 6.23 6.18 -25.62
C ASN B 373 5.56 6.91 -26.77
N ILE B 374 4.84 6.17 -27.60
CA ILE B 374 4.16 6.73 -28.77
C ILE B 374 3.30 7.95 -28.45
N ALA B 375 2.71 7.98 -27.26
CA ALA B 375 1.86 9.10 -26.85
C ALA B 375 2.64 10.40 -26.68
N GLY B 376 3.97 10.29 -26.66
CA GLY B 376 4.82 11.46 -26.51
C GLY B 376 4.92 12.23 -27.82
N LEU B 377 4.74 11.51 -28.92
CA LEU B 377 4.81 12.10 -30.25
C LEU B 377 3.59 12.92 -30.59
N ASN B 378 3.71 13.70 -31.64
CA ASN B 378 2.64 14.54 -32.15
C ASN B 378 3.06 15.07 -33.50
N ASP B 379 2.09 15.54 -34.28
CA ASP B 379 2.33 16.07 -35.62
C ASP B 379 3.62 16.87 -35.78
N ASN B 380 3.87 17.82 -34.88
CA ASN B 380 5.07 18.65 -34.97
C ASN B 380 6.35 18.11 -34.36
N THR B 381 6.28 16.96 -33.68
CA THR B 381 7.48 16.37 -33.10
C THR B 381 7.87 15.07 -33.81
N ILE B 382 6.96 14.57 -34.64
CA ILE B 382 7.17 13.33 -35.39
C ILE B 382 8.36 13.40 -36.36
N PRO B 383 8.33 14.33 -37.34
CA PRO B 383 9.47 14.40 -38.27
C PRO B 383 10.85 14.60 -37.62
N ILE B 384 10.90 15.28 -36.48
CA ILE B 384 12.16 15.49 -35.79
C ILE B 384 12.70 14.14 -35.30
N LEU B 385 11.79 13.29 -34.82
CA LEU B 385 12.17 11.96 -34.34
C LEU B 385 12.54 11.11 -35.56
N ALA B 386 11.76 11.26 -36.62
CA ALA B 386 11.98 10.52 -37.86
C ALA B 386 13.37 10.79 -38.44
N ARG B 387 13.77 12.06 -38.45
CA ARG B 387 15.08 12.44 -38.96
C ARG B 387 16.15 11.70 -38.18
N ALA B 388 16.08 11.81 -36.86
CA ALA B 388 17.04 11.15 -35.95
C ALA B 388 17.19 9.67 -36.30
N ILE B 389 16.08 8.96 -36.35
CA ILE B 389 16.09 7.54 -36.66
C ILE B 389 16.82 7.30 -37.99
N ILE B 390 16.38 7.98 -39.05
CA ILE B 390 16.98 7.85 -40.37
C ILE B 390 18.48 8.12 -40.38
N GLU B 391 18.88 9.26 -39.83
CA GLU B 391 20.28 9.65 -39.77
C GLU B 391 21.17 8.68 -38.99
N VAL B 392 20.60 8.04 -37.97
CA VAL B 392 21.35 7.11 -37.14
C VAL B 392 21.16 5.66 -37.61
N GLY B 393 20.34 5.47 -38.64
CA GLY B 393 20.10 4.15 -39.18
C GLY B 393 19.15 3.29 -38.39
N VAL B 394 19.40 1.98 -38.44
CA VAL B 394 18.65 0.90 -37.80
C VAL B 394 17.55 0.35 -38.70
#